data_6WBW
#
_entry.id   6WBW
#
_cell.length_a   91.970
_cell.length_b   98.280
_cell.length_c   139.050
_cell.angle_alpha   90.000
_cell.angle_beta   90.000
_cell.angle_gamma   90.000
#
_symmetry.space_group_name_H-M   'P 21 21 21'
#
loop_
_entity.id
_entity.type
_entity.pdbx_description
1 polymer 'Histone deacetylase 2'
2 non-polymer N-{(1S)-7,7-dihydroxy-1-[5-(2-methoxyquinolin-3-yl)-1H-imidazol-2-yl]nonyl}-1-methylazetidine-3-carboxamide
3 non-polymer 'ZINC ION'
4 non-polymer 'CALCIUM ION'
5 non-polymer DI(HYDROXYETHYL)ETHER
6 water water
#
_entity_poly.entity_id   1
_entity_poly.type   'polypeptide(L)'
_entity_poly.pdbx_seq_one_letter_code
;MAYSQGGGKKKVCYYYDGDIGNYYYGQGHPMKPHRIRMTHNLLLNYGLYRKMEIYRPHKATAEEMTKYHSDEYIKFLRSI
RPDNMSEYSKQMQRFNVGEDCPVFDGLFEFCQLSTGGSVAGAVKLNRQQTDMAVNWAGGLHHAKKSEASGFCYVNDIVLA
ILELLKYHQRVLYIDIDIHHGDGVEEAFYTTDRVMTVSFHKYGEYFPGTGDLRDIGAGKGKYYAVNFPMRDGIDDESYGQ
IFKPIISKVMEMYQPSAVVLQCGADSLSGDRLGCFNLTVKGHAKCVEVVKTFNLPLLMLGGGGYTIRNVARCWTYETAVA
LDCEIPNELPYNDYFEYFGPDFKLHISPSNMTNQNTPEYMEKIKQRLFENLRMLPH
;
_entity_poly.pdbx_strand_id   A,B,C
#
loop_
_chem_comp.id
_chem_comp.type
_chem_comp.name
_chem_comp.formula
CA non-polymer 'CALCIUM ION' 'Ca 2'
PEG non-polymer DI(HYDROXYETHYL)ETHER 'C4 H10 O3'
TV1 non-polymer N-{(1S)-7,7-dihydroxy-1-[5-(2-methoxyquinolin-3-yl)-1H-imidazol-2-yl]nonyl}-1-methylazetidine-3-carboxamide 'C27 H37 N5 O4'
ZN non-polymer 'ZINC ION' 'Zn 2'
#
# COMPACT_ATOMS: atom_id res chain seq x y z
N GLY A 8 19.06 -19.70 -27.35
CA GLY A 8 18.24 -20.55 -28.20
C GLY A 8 17.59 -21.67 -27.42
N LYS A 9 17.28 -22.80 -28.08
CA LYS A 9 16.68 -23.98 -27.45
C LYS A 9 17.73 -24.65 -26.58
N LYS A 10 17.29 -25.22 -25.46
CA LYS A 10 18.24 -25.78 -24.52
C LYS A 10 18.14 -27.26 -24.32
N LYS A 11 19.26 -27.85 -23.86
CA LYS A 11 19.32 -29.25 -23.56
C LYS A 11 18.62 -29.42 -22.19
N VAL A 12 17.66 -30.35 -22.14
CA VAL A 12 16.91 -30.63 -20.91
C VAL A 12 17.10 -32.08 -20.48
N CYS A 13 17.46 -32.30 -19.21
CA CYS A 13 17.58 -33.63 -18.63
C CYS A 13 16.48 -33.72 -17.59
N TYR A 14 15.74 -34.79 -17.62
CA TYR A 14 14.58 -34.98 -16.77
C TYR A 14 14.75 -36.26 -15.94
N TYR A 15 14.40 -36.19 -14.65
CA TYR A 15 14.57 -37.28 -13.71
C TYR A 15 13.26 -37.85 -13.26
N TYR A 16 13.12 -39.18 -13.35
CA TYR A 16 11.88 -39.82 -12.93
C TYR A 16 12.11 -41.27 -12.58
N ASP A 17 11.54 -41.73 -11.45
CA ASP A 17 11.60 -43.14 -11.09
C ASP A 17 10.17 -43.68 -11.17
N GLY A 18 9.96 -44.72 -12.00
CA GLY A 18 8.66 -45.35 -12.20
C GLY A 18 7.98 -45.87 -10.94
N ASP A 19 8.73 -45.97 -9.82
CA ASP A 19 8.19 -46.45 -8.55
C ASP A 19 7.57 -45.32 -7.73
N ILE A 20 7.95 -44.07 -8.04
CA ILE A 20 7.53 -42.92 -7.23
C ILE A 20 6.04 -42.82 -6.97
N GLY A 21 5.24 -43.15 -7.97
CA GLY A 21 3.78 -43.05 -7.90
C GLY A 21 3.13 -44.00 -6.91
N ASN A 22 3.88 -45.03 -6.43
CA ASN A 22 3.35 -46.03 -5.54
C ASN A 22 3.43 -45.68 -4.07
N TYR A 23 4.19 -44.63 -3.72
CA TYR A 23 4.31 -44.20 -2.31
C TYR A 23 3.01 -43.53 -1.90
N TYR A 24 2.48 -43.90 -0.74
CA TYR A 24 1.17 -43.42 -0.33
C TYR A 24 1.21 -42.84 1.06
N TYR A 25 0.82 -41.55 1.18
CA TYR A 25 0.86 -40.89 2.48
C TYR A 25 -0.26 -41.36 3.44
N GLY A 26 -1.29 -42.00 2.92
CA GLY A 26 -2.37 -42.45 3.79
C GLY A 26 -3.71 -41.89 3.40
N GLN A 27 -4.81 -42.55 3.82
CA GLN A 27 -6.17 -42.14 3.49
C GLN A 27 -6.43 -40.67 3.85
N GLY A 28 -6.92 -39.91 2.87
CA GLY A 28 -7.25 -38.50 3.06
C GLY A 28 -6.09 -37.52 3.00
N HIS A 29 -4.83 -38.01 3.08
CA HIS A 29 -3.68 -37.09 3.04
C HIS A 29 -3.63 -36.43 1.64
N PRO A 30 -3.55 -35.08 1.58
CA PRO A 30 -3.58 -34.43 0.27
C PRO A 30 -2.37 -34.67 -0.63
N MET A 31 -1.19 -35.02 -0.05
CA MET A 31 0.04 -35.24 -0.87
C MET A 31 -0.06 -36.59 -1.56
N LYS A 32 -0.09 -36.56 -2.91
CA LYS A 32 -0.25 -37.77 -3.70
C LYS A 32 0.88 -37.97 -4.69
N PRO A 33 1.90 -38.78 -4.33
CA PRO A 33 3.01 -39.01 -5.26
C PRO A 33 2.56 -39.53 -6.64
N HIS A 34 1.37 -40.15 -6.71
CA HIS A 34 0.78 -40.63 -7.97
C HIS A 34 0.69 -39.49 -9.01
N ARG A 35 0.56 -38.20 -8.54
CA ARG A 35 0.52 -37.08 -9.47
C ARG A 35 1.81 -36.97 -10.32
N ILE A 36 2.96 -37.49 -9.80
N ILE A 36 2.96 -37.46 -9.82
CA ILE A 36 4.25 -37.47 -10.51
CA ILE A 36 4.19 -37.39 -10.61
C ILE A 36 4.16 -38.47 -11.68
C ILE A 36 4.11 -38.44 -11.74
N ARG A 37 3.53 -39.62 -11.44
CA ARG A 37 3.36 -40.64 -12.48
C ARG A 37 2.34 -40.12 -13.54
N MET A 38 1.26 -39.41 -13.10
CA MET A 38 0.30 -38.86 -14.06
C MET A 38 1.03 -37.86 -14.98
N THR A 39 1.86 -37.01 -14.36
CA THR A 39 2.62 -36.00 -15.10
C THR A 39 3.48 -36.71 -16.16
N HIS A 40 4.24 -37.72 -15.72
CA HIS A 40 5.11 -38.45 -16.61
C HIS A 40 4.34 -39.09 -17.77
N ASN A 41 3.25 -39.79 -17.42
CA ASN A 41 2.47 -40.46 -18.46
C ASN A 41 1.88 -39.47 -19.48
N LEU A 42 1.46 -38.28 -19.00
CA LEU A 42 0.90 -37.30 -19.89
C LEU A 42 2.00 -36.75 -20.82
N LEU A 43 3.17 -36.38 -20.26
CA LEU A 43 4.21 -35.83 -21.13
C LEU A 43 4.76 -36.91 -22.10
N LEU A 44 4.77 -38.20 -21.71
CA LEU A 44 5.21 -39.25 -22.64
C LEU A 44 4.21 -39.32 -23.80
N ASN A 45 2.90 -39.21 -23.49
CA ASN A 45 1.83 -39.27 -24.49
C ASN A 45 1.83 -38.05 -25.41
N TYR A 46 2.44 -36.92 -24.98
CA TYR A 46 2.59 -35.76 -25.86
C TYR A 46 3.83 -35.94 -26.74
N GLY A 47 4.64 -36.95 -26.46
CA GLY A 47 5.86 -37.22 -27.24
C GLY A 47 7.08 -36.44 -26.78
N LEU A 48 7.02 -35.80 -25.59
CA LEU A 48 8.14 -34.99 -25.10
C LEU A 48 9.44 -35.79 -24.82
N TYR A 49 9.38 -37.12 -24.68
CA TYR A 49 10.57 -37.96 -24.47
C TYR A 49 11.47 -37.95 -25.71
N ARG A 50 10.91 -37.56 -26.87
CA ARG A 50 11.73 -37.50 -28.09
C ARG A 50 12.71 -36.31 -28.08
N LYS A 51 12.47 -35.32 -27.20
CA LYS A 51 13.25 -34.08 -27.15
C LYS A 51 14.11 -33.90 -25.90
N MET A 52 14.06 -34.84 -24.96
CA MET A 52 14.85 -34.71 -23.73
C MET A 52 15.38 -36.03 -23.28
N GLU A 53 16.45 -35.96 -22.49
CA GLU A 53 17.09 -37.15 -21.95
C GLU A 53 16.40 -37.45 -20.64
N ILE A 54 15.88 -38.68 -20.52
CA ILE A 54 15.14 -39.15 -19.33
C ILE A 54 16.09 -40.06 -18.54
N TYR A 55 16.32 -39.71 -17.29
CA TYR A 55 17.19 -40.42 -16.39
C TYR A 55 16.42 -40.91 -15.18
N ARG A 56 16.83 -42.06 -14.63
CA ARG A 56 16.22 -42.58 -13.42
C ARG A 56 17.17 -42.13 -12.32
N PRO A 57 16.69 -41.40 -11.30
CA PRO A 57 17.63 -40.94 -10.27
C PRO A 57 18.14 -42.08 -9.44
N HIS A 58 19.33 -41.91 -8.83
CA HIS A 58 19.78 -42.89 -7.89
C HIS A 58 19.06 -42.63 -6.54
N LYS A 59 19.13 -43.60 -5.62
CA LYS A 59 18.59 -43.40 -4.28
C LYS A 59 19.68 -42.68 -3.47
N ALA A 60 19.48 -41.36 -3.17
CA ALA A 60 20.46 -40.60 -2.39
C ALA A 60 20.77 -41.31 -1.08
N THR A 61 22.06 -41.35 -0.74
CA THR A 61 22.47 -42.04 0.47
C THR A 61 22.43 -41.12 1.69
N ALA A 62 22.73 -41.72 2.85
CA ALA A 62 22.80 -40.96 4.11
C ALA A 62 23.96 -39.97 4.06
N GLU A 63 25.06 -40.30 3.36
CA GLU A 63 26.20 -39.39 3.21
C GLU A 63 25.74 -38.15 2.46
N GLU A 64 24.92 -38.34 1.41
CA GLU A 64 24.43 -37.21 0.64
C GLU A 64 23.48 -36.37 1.49
N MET A 65 22.55 -37.00 2.21
CA MET A 65 21.55 -36.23 2.99
C MET A 65 22.15 -35.46 4.18
N THR A 66 23.21 -36.02 4.79
CA THR A 66 23.84 -35.37 5.94
C THR A 66 24.79 -34.26 5.54
N LYS A 67 24.80 -33.86 4.23
CA LYS A 67 25.56 -32.68 3.83
C LYS A 67 24.76 -31.46 4.41
N TYR A 68 23.50 -31.72 4.78
CA TYR A 68 22.64 -30.69 5.41
C TYR A 68 21.99 -31.18 6.68
N HIS A 69 21.25 -32.29 6.61
CA HIS A 69 20.51 -32.82 7.73
C HIS A 69 21.40 -33.43 8.81
N SER A 70 20.92 -33.43 10.07
CA SER A 70 21.74 -34.00 11.13
C SER A 70 21.80 -35.51 10.99
N ASP A 71 22.88 -36.12 11.51
CA ASP A 71 23.00 -37.56 11.50
C ASP A 71 21.84 -38.21 12.26
N GLU A 72 21.42 -37.65 13.40
CA GLU A 72 20.32 -38.22 14.19
C GLU A 72 18.97 -38.28 13.47
N TYR A 73 18.67 -37.20 12.71
CA TYR A 73 17.41 -37.14 12.00
C TYR A 73 17.42 -38.12 10.82
N ILE A 74 18.53 -38.19 10.07
CA ILE A 74 18.60 -39.15 8.96
C ILE A 74 18.56 -40.60 9.49
N LYS A 75 19.26 -40.88 10.64
CA LYS A 75 19.21 -42.25 11.23
C LYS A 75 17.77 -42.61 11.56
N PHE A 76 17.01 -41.66 12.13
CA PHE A 76 15.60 -41.88 12.46
C PHE A 76 14.80 -42.17 11.17
N LEU A 77 14.93 -41.31 10.12
CA LEU A 77 14.16 -41.55 8.88
C LEU A 77 14.44 -42.93 8.26
N ARG A 78 15.69 -43.40 8.38
CA ARG A 78 16.15 -44.71 7.84
C ARG A 78 15.56 -45.86 8.64
N SER A 79 15.25 -45.64 9.92
CA SER A 79 14.77 -46.66 10.88
C SER A 79 13.28 -46.77 11.08
N ILE A 80 12.56 -45.65 10.99
CA ILE A 80 11.13 -45.62 11.28
C ILE A 80 10.27 -46.32 10.23
N ARG A 81 9.34 -47.15 10.69
CA ARG A 81 8.44 -47.88 9.81
C ARG A 81 7.07 -47.98 10.47
N PRO A 82 5.96 -48.22 9.72
CA PRO A 82 4.65 -48.37 10.40
C PRO A 82 4.60 -49.50 11.44
N ASP A 83 5.45 -50.55 11.30
CA ASP A 83 5.48 -51.70 12.22
C ASP A 83 6.25 -51.46 13.53
N ASN A 84 7.10 -50.42 13.59
CA ASN A 84 7.88 -50.13 14.79
C ASN A 84 7.57 -48.75 15.38
N MET A 85 6.57 -48.04 14.79
CA MET A 85 6.11 -46.69 15.21
C MET A 85 5.89 -46.57 16.70
N SER A 86 5.24 -47.59 17.29
CA SER A 86 4.92 -47.65 18.73
C SER A 86 6.14 -47.50 19.63
N GLU A 87 7.32 -47.96 19.16
CA GLU A 87 8.61 -47.90 19.88
C GLU A 87 9.34 -46.56 19.73
N TYR A 88 8.92 -45.73 18.74
CA TYR A 88 9.56 -44.45 18.42
C TYR A 88 8.67 -43.23 18.73
N SER A 89 7.63 -43.40 19.57
CA SER A 89 6.67 -42.35 19.95
C SER A 89 7.34 -41.03 20.31
N LYS A 90 8.41 -41.08 21.11
CA LYS A 90 9.20 -39.92 21.56
C LYS A 90 9.97 -39.28 20.39
N GLN A 91 10.68 -40.10 19.61
CA GLN A 91 11.49 -39.67 18.46
C GLN A 91 10.61 -39.01 17.38
N MET A 92 9.41 -39.56 17.14
CA MET A 92 8.47 -39.01 16.17
C MET A 92 8.13 -37.57 16.50
N GLN A 93 7.85 -37.30 17.79
CA GLN A 93 7.52 -35.96 18.25
C GLN A 93 8.71 -35.03 18.07
N ARG A 94 9.92 -35.46 18.46
CA ARG A 94 11.14 -34.69 18.34
C ARG A 94 11.39 -34.26 16.89
N PHE A 95 11.14 -35.17 15.95
CA PHE A 95 11.39 -34.90 14.53
C PHE A 95 10.18 -34.46 13.72
N ASN A 96 9.04 -34.22 14.39
CA ASN A 96 7.80 -33.74 13.79
C ASN A 96 7.23 -34.70 12.74
N VAL A 97 7.35 -35.99 13.05
CA VAL A 97 6.78 -37.02 12.19
C VAL A 97 5.49 -37.40 12.88
N GLY A 98 4.42 -37.33 12.12
CA GLY A 98 3.06 -37.59 12.58
C GLY A 98 2.01 -37.22 11.55
N GLU A 99 1.01 -36.41 11.92
CA GLU A 99 -0.10 -36.05 11.03
C GLU A 99 0.31 -35.47 9.66
N ASP A 100 0.96 -34.29 9.55
CA ASP A 100 1.31 -33.74 8.24
C ASP A 100 2.37 -34.56 7.55
N CYS A 101 3.31 -35.10 8.34
CA CYS A 101 4.45 -35.86 7.84
C CYS A 101 4.34 -37.28 8.38
N PRO A 102 3.42 -38.10 7.83
CA PRO A 102 3.23 -39.44 8.40
C PRO A 102 4.31 -40.43 8.10
N VAL A 103 4.26 -41.54 8.87
CA VAL A 103 5.18 -42.65 8.61
C VAL A 103 4.37 -43.51 7.62
N PHE A 104 4.96 -43.84 6.48
CA PHE A 104 4.29 -44.71 5.52
C PHE A 104 5.31 -45.71 5.01
N ASP A 105 4.82 -46.84 4.47
CA ASP A 105 5.74 -47.84 3.95
C ASP A 105 6.63 -47.24 2.84
N GLY A 106 7.95 -47.43 2.98
CA GLY A 106 8.91 -46.96 2.01
C GLY A 106 9.21 -45.47 2.08
N LEU A 107 8.85 -44.83 3.21
CA LEU A 107 9.13 -43.40 3.41
C LEU A 107 10.58 -43.03 3.08
N PHE A 108 11.57 -43.75 3.64
CA PHE A 108 12.96 -43.39 3.38
C PHE A 108 13.29 -43.47 1.89
N GLU A 109 12.81 -44.54 1.22
CA GLU A 109 13.10 -44.71 -0.21
C GLU A 109 12.47 -43.59 -1.03
N PHE A 110 11.28 -43.13 -0.62
CA PHE A 110 10.62 -42.02 -1.30
C PHE A 110 11.52 -40.78 -1.18
N CYS A 111 12.10 -40.53 0.04
CA CYS A 111 13.00 -39.40 0.27
C CYS A 111 14.25 -39.57 -0.59
N GLN A 112 14.77 -40.81 -0.66
CA GLN A 112 15.97 -41.06 -1.46
C GLN A 112 15.77 -40.78 -2.94
N LEU A 113 14.57 -41.08 -3.50
CA LEU A 113 14.33 -40.85 -4.93
C LEU A 113 14.06 -39.38 -5.21
N SER A 114 13.27 -38.75 -4.31
CA SER A 114 12.97 -37.32 -4.45
C SER A 114 14.29 -36.54 -4.43
N THR A 115 15.17 -36.85 -3.43
CA THR A 115 16.47 -36.18 -3.30
C THR A 115 17.42 -36.55 -4.42
N GLY A 116 17.46 -37.83 -4.79
CA GLY A 116 18.39 -38.25 -5.84
C GLY A 116 18.21 -37.50 -7.14
N GLY A 117 16.97 -37.22 -7.51
CA GLY A 117 16.73 -36.48 -8.76
C GLY A 117 17.27 -35.06 -8.70
N SER A 118 17.08 -34.39 -7.54
CA SER A 118 17.54 -33.01 -7.43
C SER A 118 19.06 -32.90 -7.39
N VAL A 119 19.70 -33.79 -6.64
N VAL A 119 19.71 -33.79 -6.62
CA VAL A 119 21.16 -33.79 -6.54
CA VAL A 119 21.18 -33.76 -6.54
C VAL A 119 21.76 -34.19 -7.88
C VAL A 119 21.80 -34.23 -7.84
N ALA A 120 21.22 -35.26 -8.53
CA ALA A 120 21.76 -35.69 -9.83
C ALA A 120 21.61 -34.55 -10.85
N GLY A 121 20.48 -33.82 -10.79
CA GLY A 121 20.31 -32.71 -11.73
C GLY A 121 21.34 -31.60 -11.50
N ALA A 122 21.62 -31.30 -10.21
CA ALA A 122 22.62 -30.27 -9.89
C ALA A 122 24.01 -30.72 -10.39
N VAL A 123 24.34 -32.03 -10.22
CA VAL A 123 25.64 -32.53 -10.71
C VAL A 123 25.73 -32.33 -12.24
N LYS A 124 24.66 -32.70 -12.96
CA LYS A 124 24.63 -32.58 -14.42
C LYS A 124 24.84 -31.11 -14.84
N LEU A 125 24.21 -30.17 -14.10
CA LEU A 125 24.38 -28.75 -14.40
C LEU A 125 25.82 -28.28 -14.12
N ASN A 126 26.39 -28.72 -12.97
CA ASN A 126 27.78 -28.39 -12.59
C ASN A 126 28.76 -28.84 -13.67
N ARG A 127 28.50 -30.01 -14.23
CA ARG A 127 29.35 -30.60 -15.27
C ARG A 127 29.15 -29.98 -16.64
N GLN A 128 28.19 -29.04 -16.77
CA GLN A 128 27.88 -28.36 -18.02
C GLN A 128 27.42 -29.36 -19.09
N GLN A 129 26.75 -30.43 -18.63
CA GLN A 129 26.22 -31.46 -19.52
C GLN A 129 24.76 -31.24 -19.87
N THR A 130 24.13 -30.19 -19.29
CA THR A 130 22.75 -29.82 -19.59
C THR A 130 22.57 -28.36 -19.27
N ASP A 131 21.55 -27.76 -19.88
CA ASP A 131 21.19 -26.37 -19.63
C ASP A 131 20.12 -26.35 -18.53
N MET A 132 19.24 -27.34 -18.53
CA MET A 132 18.16 -27.45 -17.56
C MET A 132 18.06 -28.86 -17.07
N ALA A 133 17.70 -29.02 -15.79
CA ALA A 133 17.47 -30.34 -15.20
C ALA A 133 16.12 -30.22 -14.53
N VAL A 134 15.26 -31.25 -14.69
CA VAL A 134 13.91 -31.23 -14.16
C VAL A 134 13.72 -32.42 -13.21
N ASN A 135 13.17 -32.16 -12.00
CA ASN A 135 12.87 -33.23 -11.07
C ASN A 135 11.52 -32.90 -10.43
N TRP A 136 10.43 -33.37 -11.03
CA TRP A 136 9.10 -33.06 -10.48
C TRP A 136 8.85 -33.70 -9.12
N ALA A 137 9.60 -34.75 -8.76
CA ALA A 137 9.42 -35.38 -7.44
C ALA A 137 10.16 -34.58 -6.33
N GLY A 138 10.90 -33.54 -6.71
CA GLY A 138 11.64 -32.73 -5.73
C GLY A 138 10.87 -31.48 -5.35
N GLY A 139 11.57 -30.52 -4.77
CA GLY A 139 10.98 -29.25 -4.35
C GLY A 139 10.33 -29.28 -2.98
N LEU A 140 10.81 -30.16 -2.09
CA LEU A 140 10.16 -30.30 -0.77
C LEU A 140 10.77 -29.31 0.23
N HIS A 141 10.36 -28.05 0.03
CA HIS A 141 10.96 -26.87 0.62
C HIS A 141 10.80 -26.61 2.10
N HIS A 142 9.95 -27.38 2.79
CA HIS A 142 9.75 -27.12 4.23
C HIS A 142 10.67 -27.89 5.14
N ALA A 143 11.27 -28.99 4.65
CA ALA A 143 12.10 -29.81 5.55
C ALA A 143 13.25 -29.03 6.17
N LYS A 144 13.50 -29.26 7.47
CA LYS A 144 14.53 -28.55 8.21
C LYS A 144 15.69 -29.47 8.53
N LYS A 145 16.81 -28.88 9.03
CA LYS A 145 18.01 -29.64 9.35
C LYS A 145 17.70 -30.92 10.15
N SER A 146 16.89 -30.81 11.23
CA SER A 146 16.57 -31.96 12.08
C SER A 146 15.07 -32.15 12.29
N GLU A 147 14.26 -31.79 11.29
CA GLU A 147 12.83 -31.89 11.46
C GLU A 147 12.07 -31.98 10.14
N ALA A 148 11.06 -32.84 10.08
CA ALA A 148 10.17 -32.90 8.93
C ALA A 148 9.15 -31.74 9.09
N SER A 149 8.53 -31.31 8.00
CA SER A 149 7.52 -30.26 8.10
C SER A 149 6.71 -30.22 6.82
N GLY A 150 5.41 -29.98 6.93
CA GLY A 150 4.55 -29.74 5.78
C GLY A 150 4.71 -30.69 4.60
N PHE A 151 4.63 -31.97 4.91
CA PHE A 151 4.69 -33.10 3.95
C PHE A 151 6.08 -33.38 3.42
N CYS A 152 7.09 -32.63 3.88
CA CYS A 152 8.51 -32.71 3.44
C CYS A 152 9.34 -33.33 4.52
N TYR A 153 10.26 -34.25 4.15
CA TYR A 153 11.11 -34.91 5.15
C TYR A 153 12.58 -34.58 4.93
N VAL A 154 13.02 -34.67 3.66
CA VAL A 154 14.42 -34.35 3.35
C VAL A 154 14.37 -33.17 2.38
N ASN A 155 15.14 -32.13 2.68
CA ASN A 155 15.12 -30.94 1.84
C ASN A 155 16.02 -31.13 0.62
N ASP A 156 15.45 -31.73 -0.43
CA ASP A 156 16.22 -31.99 -1.66
C ASP A 156 16.73 -30.69 -2.30
N ILE A 157 16.02 -29.58 -2.07
CA ILE A 157 16.42 -28.30 -2.63
C ILE A 157 17.71 -27.80 -1.99
N VAL A 158 17.77 -27.84 -0.64
CA VAL A 158 18.98 -27.35 0.04
C VAL A 158 20.15 -28.23 -0.42
N LEU A 159 19.94 -29.57 -0.48
CA LEU A 159 21.03 -30.47 -0.92
C LEU A 159 21.48 -30.16 -2.34
N ALA A 160 20.52 -29.90 -3.26
CA ALA A 160 20.89 -29.58 -4.65
C ALA A 160 21.64 -28.23 -4.70
N ILE A 161 21.22 -27.25 -3.86
CA ILE A 161 21.91 -25.97 -3.85
C ILE A 161 23.34 -26.12 -3.33
N LEU A 162 23.54 -26.90 -2.26
CA LEU A 162 24.87 -27.16 -1.72
C LEU A 162 25.75 -27.78 -2.82
N GLU A 163 25.15 -28.64 -3.68
CA GLU A 163 25.92 -29.23 -4.80
C GLU A 163 26.28 -28.12 -5.79
N LEU A 164 25.31 -27.25 -6.16
CA LEU A 164 25.62 -26.15 -7.06
C LEU A 164 26.70 -25.21 -6.51
N LEU A 165 26.71 -25.00 -5.18
CA LEU A 165 27.68 -24.09 -4.55
C LEU A 165 29.14 -24.59 -4.68
N LYS A 166 29.33 -25.86 -5.10
CA LYS A 166 30.71 -26.35 -5.30
C LYS A 166 31.33 -25.64 -6.51
N TYR A 167 30.50 -25.23 -7.49
CA TYR A 167 30.97 -24.61 -8.73
C TYR A 167 30.46 -23.20 -8.98
N HIS A 168 29.44 -22.77 -8.19
CA HIS A 168 28.81 -21.47 -8.39
C HIS A 168 28.95 -20.60 -7.18
N GLN A 169 29.51 -19.39 -7.37
CA GLN A 169 29.69 -18.48 -6.24
C GLN A 169 28.32 -18.02 -5.70
N ARG A 170 27.36 -17.77 -6.60
CA ARG A 170 26.03 -17.26 -6.22
C ARG A 170 24.96 -18.07 -6.89
N VAL A 171 24.01 -18.55 -6.08
CA VAL A 171 22.89 -19.35 -6.58
C VAL A 171 21.60 -18.62 -6.21
N LEU A 172 20.68 -18.52 -7.15
CA LEU A 172 19.39 -17.89 -6.92
C LEU A 172 18.31 -18.99 -6.79
N TYR A 173 17.53 -18.92 -5.70
CA TYR A 173 16.44 -19.85 -5.47
C TYR A 173 15.13 -19.05 -5.61
N ILE A 174 14.16 -19.54 -6.43
CA ILE A 174 12.86 -18.88 -6.64
C ILE A 174 11.78 -19.90 -6.35
N ASP A 175 10.78 -19.50 -5.55
CA ASP A 175 9.75 -20.42 -5.09
C ASP A 175 8.33 -19.90 -5.39
N ILE A 176 7.64 -20.53 -6.37
CA ILE A 176 6.29 -20.11 -6.77
C ILE A 176 5.20 -21.05 -6.20
N ASP A 177 5.58 -21.97 -5.30
CA ASP A 177 4.59 -22.75 -4.54
C ASP A 177 3.71 -21.71 -3.78
N ILE A 178 2.44 -22.02 -3.50
CA ILE A 178 1.64 -21.04 -2.76
C ILE A 178 2.17 -20.87 -1.32
N HIS A 179 2.92 -21.86 -0.78
CA HIS A 179 3.44 -21.78 0.57
C HIS A 179 4.84 -21.20 0.59
N HIS A 180 5.16 -20.50 1.70
CA HIS A 180 6.48 -19.92 1.86
C HIS A 180 7.56 -21.02 1.86
N GLY A 181 8.66 -20.78 1.14
CA GLY A 181 9.79 -21.70 1.10
C GLY A 181 10.67 -21.52 2.34
N ASP A 182 10.11 -21.81 3.52
CA ASP A 182 10.81 -21.57 4.78
C ASP A 182 12.04 -22.41 5.03
N GLY A 183 12.02 -23.71 4.67
CA GLY A 183 13.20 -24.52 4.94
C GLY A 183 14.41 -24.09 4.13
N VAL A 184 14.20 -23.69 2.85
CA VAL A 184 15.31 -23.26 2.02
C VAL A 184 15.80 -21.89 2.53
N GLU A 185 14.83 -20.98 2.85
CA GLU A 185 15.23 -19.67 3.34
C GLU A 185 16.03 -19.82 4.64
N GLU A 186 15.56 -20.68 5.55
CA GLU A 186 16.24 -20.88 6.85
C GLU A 186 17.67 -21.39 6.65
N ALA A 187 17.82 -22.42 5.81
CA ALA A 187 19.17 -22.98 5.59
C ALA A 187 20.20 -21.95 5.14
N PHE A 188 19.77 -20.99 4.30
CA PHE A 188 20.70 -20.00 3.73
C PHE A 188 20.50 -18.57 4.26
N TYR A 189 19.79 -18.44 5.40
CA TYR A 189 19.43 -17.15 5.93
C TYR A 189 20.59 -16.24 6.23
N THR A 190 21.74 -16.82 6.63
CA THR A 190 22.90 -16.01 7.01
C THR A 190 24.04 -16.02 5.99
N THR A 191 23.73 -16.37 4.71
CA THR A 191 24.74 -16.33 3.67
C THR A 191 24.30 -15.51 2.48
N ASP A 192 25.27 -14.88 1.79
CA ASP A 192 25.00 -14.12 0.59
C ASP A 192 25.26 -14.99 -0.66
N ARG A 193 25.68 -16.24 -0.44
CA ARG A 193 25.97 -17.16 -1.56
C ARG A 193 24.69 -17.77 -2.15
N VAL A 194 23.55 -17.60 -1.46
CA VAL A 194 22.27 -18.05 -2.00
C VAL A 194 21.28 -16.95 -1.69
N MET A 195 20.61 -16.46 -2.72
CA MET A 195 19.53 -15.51 -2.51
C MET A 195 18.23 -16.31 -2.66
N THR A 196 17.32 -16.20 -1.66
CA THR A 196 16.08 -16.96 -1.74
C THR A 196 14.93 -15.99 -1.97
N VAL A 197 14.08 -16.25 -2.98
CA VAL A 197 12.94 -15.41 -3.33
C VAL A 197 11.68 -16.24 -3.32
N SER A 198 10.75 -15.93 -2.40
CA SER A 198 9.52 -16.69 -2.32
C SER A 198 8.30 -15.79 -2.47
N PHE A 199 7.37 -16.22 -3.31
CA PHE A 199 6.06 -15.59 -3.55
C PHE A 199 5.09 -16.56 -2.88
N HIS A 200 4.24 -16.08 -1.97
CA HIS A 200 3.37 -17.03 -1.28
C HIS A 200 2.19 -16.34 -0.62
N LYS A 201 1.16 -17.13 -0.31
CA LYS A 201 0.00 -16.62 0.44
C LYS A 201 0.53 -16.41 1.87
N TYR A 202 0.16 -15.26 2.47
CA TYR A 202 0.64 -14.95 3.79
C TYR A 202 -0.54 -14.38 4.61
N GLY A 203 -0.72 -14.91 5.81
CA GLY A 203 -1.77 -14.51 6.74
C GLY A 203 -2.70 -15.67 7.03
N GLU A 204 -2.68 -16.21 8.26
CA GLU A 204 -3.52 -17.36 8.67
C GLU A 204 -3.28 -18.51 7.69
N TYR A 205 -2.00 -18.77 7.35
CA TYR A 205 -1.69 -19.80 6.36
C TYR A 205 -0.33 -20.41 6.66
N PHE A 206 -0.24 -21.72 6.48
CA PHE A 206 0.97 -22.46 6.72
C PHE A 206 2.13 -21.96 5.81
N PRO A 207 3.39 -21.89 6.28
CA PRO A 207 3.88 -22.20 7.64
C PRO A 207 3.83 -21.01 8.61
N GLY A 208 3.30 -19.88 8.16
CA GLY A 208 3.22 -18.70 9.02
C GLY A 208 4.41 -17.75 8.94
N THR A 209 5.37 -18.07 8.11
CA THR A 209 6.59 -17.29 7.89
C THR A 209 6.56 -16.62 6.54
N GLY A 210 7.59 -15.88 6.21
CA GLY A 210 7.65 -15.21 4.92
C GLY A 210 7.05 -13.82 4.90
N ASP A 211 7.21 -13.11 6.03
CA ASP A 211 6.76 -11.71 6.06
C ASP A 211 7.71 -10.92 5.14
N LEU A 212 7.24 -9.83 4.50
CA LEU A 212 8.18 -9.09 3.64
C LEU A 212 9.33 -8.47 4.44
N ARG A 213 9.15 -8.35 5.77
CA ARG A 213 10.20 -7.80 6.64
C ARG A 213 11.29 -8.82 6.98
N ASP A 214 11.11 -10.11 6.56
CA ASP A 214 12.15 -11.13 6.80
C ASP A 214 13.07 -11.04 5.58
N ILE A 215 14.24 -10.43 5.78
CA ILE A 215 15.17 -10.13 4.71
C ILE A 215 16.55 -10.81 4.83
N GLY A 216 16.73 -11.69 5.80
CA GLY A 216 18.02 -12.31 6.00
C GLY A 216 18.70 -11.73 7.23
N ALA A 217 19.83 -12.32 7.62
CA ALA A 217 20.58 -11.87 8.79
C ALA A 217 22.07 -12.01 8.56
N GLY A 218 22.86 -11.15 9.22
CA GLY A 218 24.32 -11.13 9.10
C GLY A 218 24.77 -10.94 7.66
N LYS A 219 25.69 -11.81 7.16
CA LYS A 219 26.16 -11.73 5.77
C LYS A 219 25.00 -11.91 4.78
N GLY A 220 23.95 -12.59 5.24
CA GLY A 220 22.75 -12.84 4.44
C GLY A 220 21.71 -11.73 4.47
N LYS A 221 22.00 -10.61 5.17
CA LYS A 221 21.01 -9.52 5.19
C LYS A 221 20.85 -8.97 3.78
N TYR A 222 19.60 -8.91 3.30
CA TYR A 222 19.14 -8.47 1.97
C TYR A 222 19.17 -9.61 0.95
N TYR A 223 19.53 -10.83 1.41
CA TYR A 223 19.62 -12.00 0.51
C TYR A 223 18.45 -12.97 0.69
N ALA A 224 17.38 -12.54 1.38
CA ALA A 224 16.14 -13.30 1.48
C ALA A 224 15.10 -12.27 1.07
N VAL A 225 14.21 -12.68 0.15
CA VAL A 225 13.17 -11.83 -0.40
C VAL A 225 11.86 -12.56 -0.28
N ASN A 226 10.85 -11.90 0.30
CA ASN A 226 9.53 -12.50 0.49
C ASN A 226 8.47 -11.58 -0.06
N PHE A 227 7.57 -12.13 -0.90
CA PHE A 227 6.46 -11.37 -1.47
C PHE A 227 5.18 -11.99 -0.92
N PRO A 228 4.65 -11.43 0.19
CA PRO A 228 3.41 -11.98 0.78
C PRO A 228 2.18 -11.55 -0.02
N MET A 229 1.30 -12.53 -0.30
CA MET A 229 0.10 -12.27 -1.10
C MET A 229 -1.17 -12.72 -0.39
N ARG A 230 -2.31 -12.19 -0.83
CA ARG A 230 -3.60 -12.56 -0.27
C ARG A 230 -4.29 -13.53 -1.22
N ASP A 231 -5.45 -14.04 -0.82
CA ASP A 231 -6.23 -14.94 -1.65
C ASP A 231 -6.58 -14.35 -3.01
N GLY A 232 -6.75 -15.25 -3.98
CA GLY A 232 -7.27 -14.92 -5.29
C GLY A 232 -6.42 -14.27 -6.34
N ILE A 233 -5.08 -14.27 -6.14
CA ILE A 233 -4.20 -13.68 -7.14
C ILE A 233 -4.41 -14.32 -8.50
N ASP A 234 -4.42 -13.53 -9.56
CA ASP A 234 -4.63 -14.02 -10.92
C ASP A 234 -3.42 -13.86 -11.81
N ASP A 235 -3.48 -14.37 -13.06
CA ASP A 235 -2.36 -14.31 -13.98
C ASP A 235 -1.85 -12.91 -14.20
N GLU A 236 -2.78 -11.97 -14.40
CA GLU A 236 -2.43 -10.59 -14.68
C GLU A 236 -1.62 -9.97 -13.52
N SER A 237 -2.14 -10.08 -12.30
CA SER A 237 -1.50 -9.54 -11.09
C SER A 237 -0.14 -10.21 -10.80
N TYR A 238 -0.06 -11.55 -10.93
CA TYR A 238 1.20 -12.26 -10.68
C TYR A 238 2.24 -11.89 -11.73
N GLY A 239 1.85 -11.90 -13.01
CA GLY A 239 2.77 -11.63 -14.12
C GLY A 239 3.39 -10.25 -14.06
N GLN A 240 2.62 -9.28 -13.61
CA GLN A 240 3.06 -7.88 -13.50
C GLN A 240 4.07 -7.64 -12.37
N ILE A 241 4.20 -8.58 -11.41
CA ILE A 241 5.21 -8.38 -10.38
C ILE A 241 6.35 -9.38 -10.51
N PHE A 242 6.09 -10.57 -11.07
CA PHE A 242 7.16 -11.56 -11.13
C PHE A 242 8.31 -11.14 -12.03
N LYS A 243 8.04 -10.78 -13.31
CA LYS A 243 9.12 -10.40 -14.22
C LYS A 243 9.91 -9.18 -13.66
N PRO A 244 9.27 -8.08 -13.18
CA PRO A 244 10.08 -6.97 -12.61
C PRO A 244 10.94 -7.39 -11.40
N ILE A 245 10.38 -8.19 -10.46
CA ILE A 245 11.18 -8.60 -9.29
C ILE A 245 12.34 -9.49 -9.73
N ILE A 246 12.07 -10.51 -10.54
CA ILE A 246 13.14 -11.41 -10.97
C ILE A 246 14.17 -10.66 -11.80
N SER A 247 13.74 -9.71 -12.66
CA SER A 247 14.70 -8.95 -13.45
C SER A 247 15.62 -8.12 -12.54
N LYS A 248 15.06 -7.48 -11.50
CA LYS A 248 15.87 -6.69 -10.58
C LYS A 248 16.83 -7.57 -9.80
N VAL A 249 16.34 -8.74 -9.37
CA VAL A 249 17.18 -9.67 -8.63
C VAL A 249 18.35 -10.10 -9.52
N MET A 250 18.06 -10.44 -10.79
CA MET A 250 19.12 -10.88 -11.71
C MET A 250 20.13 -9.75 -11.88
N GLU A 251 19.64 -8.53 -12.04
CA GLU A 251 20.52 -7.37 -12.23
C GLU A 251 21.44 -7.13 -11.03
N MET A 252 20.87 -7.16 -9.81
CA MET A 252 21.60 -6.86 -8.60
C MET A 252 22.46 -8.00 -8.09
N TYR A 253 21.91 -9.22 -8.11
CA TYR A 253 22.57 -10.39 -7.56
C TYR A 253 23.51 -11.13 -8.52
N GLN A 254 23.23 -11.09 -9.83
CA GLN A 254 24.07 -11.71 -10.85
C GLN A 254 24.41 -13.18 -10.50
N PRO A 255 23.38 -14.04 -10.28
CA PRO A 255 23.67 -15.43 -9.95
C PRO A 255 24.27 -16.17 -11.15
N SER A 256 24.96 -17.31 -10.92
CA SER A 256 25.44 -18.07 -12.07
C SER A 256 24.63 -19.37 -12.24
N ALA A 257 23.67 -19.64 -11.32
CA ALA A 257 22.81 -20.81 -11.44
C ALA A 257 21.52 -20.48 -10.75
N VAL A 258 20.43 -21.12 -11.18
CA VAL A 258 19.10 -20.88 -10.59
C VAL A 258 18.39 -22.17 -10.28
N VAL A 259 17.61 -22.17 -9.17
CA VAL A 259 16.76 -23.29 -8.79
C VAL A 259 15.38 -22.70 -8.70
N LEU A 260 14.45 -23.27 -9.47
CA LEU A 260 13.08 -22.79 -9.50
C LEU A 260 12.13 -23.89 -9.00
N GLN A 261 11.52 -23.64 -7.83
CA GLN A 261 10.54 -24.56 -7.24
C GLN A 261 9.19 -24.15 -7.84
N CYS A 262 8.55 -25.11 -8.56
CA CYS A 262 7.33 -24.91 -9.35
C CYS A 262 6.09 -25.49 -8.68
N GLY A 263 5.99 -25.41 -7.36
CA GLY A 263 4.81 -25.93 -6.66
C GLY A 263 3.54 -25.46 -7.35
N ALA A 264 2.68 -26.42 -7.73
CA ALA A 264 1.47 -26.19 -8.52
C ALA A 264 0.22 -25.88 -7.69
N ASP A 265 0.40 -25.69 -6.37
CA ASP A 265 -0.73 -25.38 -5.50
C ASP A 265 -1.11 -23.91 -5.57
N SER A 266 -0.37 -23.15 -6.39
CA SER A 266 -0.68 -21.75 -6.65
C SER A 266 -1.71 -21.66 -7.83
N LEU A 267 -2.15 -22.83 -8.38
CA LEU A 267 -3.14 -22.82 -9.44
C LEU A 267 -4.55 -22.70 -8.89
N SER A 268 -5.43 -22.12 -9.71
CA SER A 268 -6.86 -22.03 -9.46
C SER A 268 -7.39 -23.44 -9.22
N GLY A 269 -8.30 -23.58 -8.26
CA GLY A 269 -8.93 -24.88 -7.99
C GLY A 269 -8.11 -25.87 -7.19
N ASP A 270 -6.98 -25.45 -6.64
CA ASP A 270 -6.16 -26.33 -5.81
C ASP A 270 -6.93 -26.68 -4.52
N ARG A 271 -6.82 -27.94 -4.10
CA ARG A 271 -7.49 -28.41 -2.88
C ARG A 271 -7.07 -27.65 -1.61
N LEU A 272 -5.79 -27.25 -1.51
CA LEU A 272 -5.28 -26.54 -0.32
C LEU A 272 -5.02 -25.06 -0.61
N GLY A 273 -4.77 -24.71 -1.86
CA GLY A 273 -4.44 -23.34 -2.24
C GLY A 273 -5.63 -22.45 -2.47
N CYS A 274 -5.42 -21.15 -2.39
CA CYS A 274 -6.48 -20.15 -2.54
C CYS A 274 -6.11 -19.10 -3.59
N PHE A 275 -5.18 -19.42 -4.50
CA PHE A 275 -4.82 -18.53 -5.59
C PHE A 275 -5.68 -18.87 -6.83
N ASN A 276 -5.55 -18.05 -7.88
CA ASN A 276 -6.36 -18.19 -9.07
C ASN A 276 -5.57 -18.15 -10.37
N LEU A 277 -4.34 -18.72 -10.35
CA LEU A 277 -3.53 -18.76 -11.56
C LEU A 277 -3.97 -19.87 -12.49
N THR A 278 -3.72 -19.69 -13.78
CA THR A 278 -3.95 -20.74 -14.77
C THR A 278 -2.59 -21.42 -15.00
N VAL A 279 -2.57 -22.50 -15.79
CA VAL A 279 -1.31 -23.15 -16.12
C VAL A 279 -0.43 -22.18 -16.92
N LYS A 280 -1.05 -21.38 -17.84
CA LYS A 280 -0.25 -20.40 -18.60
C LYS A 280 0.35 -19.35 -17.66
N GLY A 281 -0.42 -18.89 -16.67
CA GLY A 281 0.10 -17.87 -15.73
C GLY A 281 1.24 -18.40 -14.89
N HIS A 282 1.11 -19.68 -14.44
CA HIS A 282 2.15 -20.29 -13.62
C HIS A 282 3.39 -20.50 -14.52
N ALA A 283 3.20 -21.06 -15.74
CA ALA A 283 4.33 -21.34 -16.64
C ALA A 283 5.05 -20.10 -17.13
N LYS A 284 4.37 -18.93 -17.12
CA LYS A 284 5.03 -17.69 -17.53
C LYS A 284 6.26 -17.48 -16.61
N CYS A 285 6.20 -17.96 -15.33
CA CYS A 285 7.35 -17.85 -14.41
C CYS A 285 8.55 -18.60 -14.96
N VAL A 286 8.31 -19.80 -15.49
CA VAL A 286 9.37 -20.60 -16.10
C VAL A 286 9.90 -19.86 -17.32
N GLU A 287 9.00 -19.31 -18.18
CA GLU A 287 9.44 -18.58 -19.38
C GLU A 287 10.35 -17.42 -18.98
N VAL A 288 9.95 -16.67 -17.94
CA VAL A 288 10.73 -15.52 -17.47
C VAL A 288 12.12 -15.94 -16.99
N VAL A 289 12.20 -16.98 -16.17
CA VAL A 289 13.49 -17.42 -15.65
C VAL A 289 14.38 -17.94 -16.78
N LYS A 290 13.80 -18.70 -17.73
CA LYS A 290 14.52 -19.25 -18.88
C LYS A 290 15.22 -18.19 -19.70
N THR A 291 14.61 -16.99 -19.85
CA THR A 291 15.21 -15.93 -20.68
C THR A 291 16.57 -15.47 -20.23
N PHE A 292 16.92 -15.68 -18.95
CA PHE A 292 18.22 -15.26 -18.41
C PHE A 292 19.36 -16.17 -18.85
N ASN A 293 19.03 -17.32 -19.47
CA ASN A 293 20.04 -18.24 -20.01
C ASN A 293 21.08 -18.69 -18.99
N LEU A 294 20.62 -19.06 -17.78
CA LEU A 294 21.54 -19.57 -16.76
C LEU A 294 21.21 -21.02 -16.51
N PRO A 295 22.20 -21.81 -16.04
CA PRO A 295 21.92 -23.22 -15.67
C PRO A 295 20.72 -23.20 -14.72
N LEU A 296 19.71 -24.02 -15.00
CA LEU A 296 18.46 -24.01 -14.25
C LEU A 296 17.98 -25.38 -13.81
N LEU A 297 17.69 -25.51 -12.52
CA LEU A 297 17.17 -26.74 -11.95
C LEU A 297 15.71 -26.44 -11.65
N MET A 298 14.79 -27.15 -12.31
CA MET A 298 13.33 -26.99 -12.12
C MET A 298 12.80 -28.13 -11.28
N LEU A 299 12.13 -27.78 -10.17
CA LEU A 299 11.64 -28.74 -9.20
C LEU A 299 10.15 -28.66 -9.01
N GLY A 300 9.58 -29.74 -8.48
CA GLY A 300 8.15 -29.81 -8.16
C GLY A 300 7.86 -29.12 -6.84
N GLY A 301 6.93 -29.66 -6.08
CA GLY A 301 6.55 -29.06 -4.80
C GLY A 301 5.10 -29.41 -4.52
N GLY A 302 4.33 -28.46 -4.00
CA GLY A 302 2.93 -28.75 -3.73
C GLY A 302 2.08 -28.89 -4.99
N GLY A 303 0.76 -29.08 -4.83
CA GLY A 303 -0.17 -29.27 -5.94
C GLY A 303 -1.02 -30.45 -5.50
N TYR A 304 -2.30 -30.12 -5.17
CA TYR A 304 -3.20 -31.06 -4.51
C TYR A 304 -4.47 -31.36 -5.30
N THR A 305 -4.70 -30.74 -6.50
CA THR A 305 -5.79 -31.09 -7.44
C THR A 305 -4.93 -31.76 -8.52
N ILE A 306 -4.76 -33.08 -8.41
CA ILE A 306 -3.74 -33.77 -9.18
C ILE A 306 -3.90 -33.69 -10.69
N ARG A 307 -5.12 -33.59 -11.25
CA ARG A 307 -5.26 -33.43 -12.71
C ARG A 307 -4.59 -32.09 -13.15
N ASN A 308 -4.67 -31.04 -12.30
CA ASN A 308 -4.05 -29.76 -12.66
C ASN A 308 -2.55 -29.76 -12.47
N VAL A 309 -2.04 -30.54 -11.51
CA VAL A 309 -0.60 -30.66 -11.30
C VAL A 309 0.00 -31.33 -12.56
N ALA A 310 -0.66 -32.43 -13.04
CA ALA A 310 -0.14 -33.11 -14.24
C ALA A 310 -0.14 -32.17 -15.45
N ARG A 311 -1.21 -31.37 -15.59
CA ARG A 311 -1.27 -30.42 -16.71
C ARG A 311 -0.13 -29.38 -16.56
N CYS A 312 0.01 -28.85 -15.35
CA CYS A 312 0.99 -27.77 -15.10
C CYS A 312 2.42 -28.19 -15.42
N TRP A 313 2.85 -29.31 -14.82
CA TRP A 313 4.20 -29.79 -14.98
C TRP A 313 4.45 -30.34 -16.39
N THR A 314 3.40 -30.90 -17.05
CA THR A 314 3.59 -31.31 -18.45
C THR A 314 3.87 -30.04 -19.28
N TYR A 315 3.02 -29.00 -19.09
CA TYR A 315 3.22 -27.79 -19.87
C TYR A 315 4.54 -27.11 -19.55
N GLU A 316 4.96 -27.14 -18.28
CA GLU A 316 6.25 -26.51 -17.92
C GLU A 316 7.44 -27.27 -18.49
N THR A 317 7.31 -28.62 -18.67
CA THR A 317 8.39 -29.39 -19.31
C THR A 317 8.43 -28.94 -20.80
N ALA A 318 7.24 -28.79 -21.41
CA ALA A 318 7.15 -28.35 -22.83
C ALA A 318 7.78 -26.95 -22.96
N VAL A 319 7.51 -26.07 -21.99
CA VAL A 319 8.13 -24.72 -21.99
C VAL A 319 9.66 -24.83 -21.89
N ALA A 320 10.17 -25.70 -21.00
CA ALA A 320 11.62 -25.87 -20.86
C ALA A 320 12.23 -26.27 -22.22
N LEU A 321 11.49 -27.08 -22.98
CA LEU A 321 11.95 -27.60 -24.28
C LEU A 321 11.66 -26.68 -25.45
N ASP A 322 10.95 -25.56 -25.23
CA ASP A 322 10.54 -24.62 -26.32
C ASP A 322 9.74 -25.45 -27.35
N CYS A 323 8.85 -26.31 -26.82
CA CYS A 323 8.06 -27.24 -27.62
C CYS A 323 6.58 -26.91 -27.48
N GLU A 324 5.93 -26.52 -28.59
CA GLU A 324 4.53 -26.19 -28.59
C GLU A 324 3.76 -27.50 -28.60
N ILE A 325 2.80 -27.61 -27.68
CA ILE A 325 1.96 -28.82 -27.56
C ILE A 325 0.51 -28.44 -27.65
N PRO A 326 -0.31 -29.30 -28.29
CA PRO A 326 -1.73 -28.96 -28.45
C PRO A 326 -2.51 -28.94 -27.15
N ASN A 327 -3.57 -28.13 -27.14
CA ASN A 327 -4.43 -28.00 -25.98
C ASN A 327 -5.27 -29.27 -25.81
N GLU A 328 -5.59 -29.95 -26.92
CA GLU A 328 -6.36 -31.19 -26.88
C GLU A 328 -5.44 -32.24 -26.25
N LEU A 329 -5.87 -32.80 -25.11
CA LEU A 329 -5.02 -33.78 -24.44
C LEU A 329 -4.93 -35.07 -25.23
N PRO A 330 -3.71 -35.67 -25.34
CA PRO A 330 -3.62 -36.96 -26.01
C PRO A 330 -4.18 -38.02 -25.07
N TYR A 331 -4.59 -39.17 -25.61
CA TYR A 331 -5.04 -40.26 -24.77
C TYR A 331 -3.85 -40.66 -23.85
N ASN A 332 -4.14 -41.11 -22.63
CA ASN A 332 -3.13 -41.48 -21.66
C ASN A 332 -3.77 -42.39 -20.62
N ASP A 333 -2.96 -42.99 -19.75
CA ASP A 333 -3.47 -43.94 -18.74
C ASP A 333 -4.43 -43.36 -17.72
N TYR A 334 -4.46 -42.01 -17.61
CA TYR A 334 -5.27 -41.31 -16.63
C TYR A 334 -6.23 -40.36 -17.32
N PHE A 335 -6.57 -40.65 -18.60
CA PHE A 335 -7.43 -39.77 -19.38
C PHE A 335 -8.71 -39.30 -18.69
N GLU A 336 -9.38 -40.21 -17.97
CA GLU A 336 -10.61 -39.86 -17.26
C GLU A 336 -10.41 -38.79 -16.17
N TYR A 337 -9.18 -38.66 -15.65
CA TYR A 337 -8.93 -37.65 -14.60
C TYR A 337 -9.07 -36.24 -15.14
N PHE A 338 -8.97 -36.05 -16.47
CA PHE A 338 -8.97 -34.73 -17.09
C PHE A 338 -10.31 -34.30 -17.65
N GLY A 339 -11.36 -35.04 -17.31
CA GLY A 339 -12.68 -34.65 -17.74
C GLY A 339 -13.11 -33.45 -16.92
N PRO A 340 -14.20 -32.78 -17.32
CA PRO A 340 -15.04 -33.11 -18.48
C PRO A 340 -14.58 -32.54 -19.80
N ASP A 341 -13.53 -31.70 -19.77
CA ASP A 341 -13.02 -31.01 -20.94
C ASP A 341 -11.93 -31.71 -21.73
N PHE A 342 -11.04 -32.44 -21.04
CA PHE A 342 -9.93 -33.15 -21.69
C PHE A 342 -9.01 -32.19 -22.44
N LYS A 343 -8.82 -30.99 -21.85
CA LYS A 343 -7.92 -29.96 -22.38
C LYS A 343 -6.73 -29.81 -21.44
N LEU A 344 -5.63 -29.30 -21.95
CA LEU A 344 -4.41 -29.10 -21.15
C LEU A 344 -4.55 -27.87 -20.25
N HIS A 345 -5.06 -26.79 -20.84
CA HIS A 345 -5.15 -25.51 -20.15
C HIS A 345 -6.39 -25.40 -19.30
N ILE A 346 -6.29 -24.58 -18.24
CA ILE A 346 -7.39 -24.43 -17.31
C ILE A 346 -7.89 -22.99 -17.31
N SER A 347 -9.13 -22.83 -16.86
CA SER A 347 -9.78 -21.52 -16.73
C SER A 347 -9.70 -21.05 -15.28
N PRO A 348 -9.55 -19.73 -15.02
CA PRO A 348 -9.56 -19.26 -13.64
C PRO A 348 -11.01 -19.26 -13.12
N SER A 349 -11.17 -19.24 -11.81
CA SER A 349 -12.50 -19.20 -11.20
C SER A 349 -12.95 -17.72 -11.09
N ASN A 350 -14.17 -17.49 -10.55
CA ASN A 350 -14.69 -16.11 -10.39
C ASN A 350 -14.35 -15.54 -9.02
N MET A 351 -13.46 -16.22 -8.26
CA MET A 351 -13.08 -15.77 -6.92
C MET A 351 -12.51 -14.36 -6.95
N THR A 352 -12.77 -13.59 -5.88
CA THR A 352 -12.27 -12.23 -5.82
C THR A 352 -10.74 -12.26 -5.59
N ASN A 353 -10.03 -11.38 -6.27
CA ASN A 353 -8.61 -11.20 -6.11
C ASN A 353 -8.46 -10.15 -5.01
N GLN A 354 -8.04 -10.58 -3.81
CA GLN A 354 -7.85 -9.67 -2.67
C GLN A 354 -6.57 -8.80 -2.83
N ASN A 355 -5.68 -9.16 -3.77
CA ASN A 355 -4.45 -8.44 -4.05
C ASN A 355 -4.75 -7.27 -5.00
N THR A 356 -5.03 -6.10 -4.42
CA THR A 356 -5.32 -4.99 -5.31
C THR A 356 -4.08 -4.59 -6.11
N PRO A 357 -4.25 -3.94 -7.27
CA PRO A 357 -3.08 -3.52 -8.04
C PRO A 357 -2.17 -2.59 -7.22
N GLU A 358 -2.75 -1.76 -6.31
CA GLU A 358 -1.97 -0.86 -5.46
C GLU A 358 -1.17 -1.67 -4.45
N TYR A 359 -1.78 -2.73 -3.88
CA TYR A 359 -1.06 -3.57 -2.92
C TYR A 359 0.12 -4.21 -3.65
N MET A 360 -0.13 -4.76 -4.86
CA MET A 360 0.97 -5.42 -5.61
C MET A 360 2.14 -4.44 -5.88
N GLU A 361 1.81 -3.22 -6.33
CA GLU A 361 2.86 -2.24 -6.63
C GLU A 361 3.58 -1.81 -5.37
N LYS A 362 2.84 -1.66 -4.26
CA LYS A 362 3.46 -1.22 -3.02
C LYS A 362 4.47 -2.23 -2.48
N ILE A 363 4.09 -3.51 -2.45
CA ILE A 363 5.01 -4.55 -1.97
C ILE A 363 6.23 -4.60 -2.91
N LYS A 364 5.99 -4.51 -4.24
CA LYS A 364 7.09 -4.55 -5.21
C LYS A 364 8.05 -3.40 -4.91
N GLN A 365 7.50 -2.20 -4.64
CA GLN A 365 8.35 -1.04 -4.34
C GLN A 365 9.17 -1.25 -3.06
N ARG A 366 8.58 -1.87 -2.03
CA ARG A 366 9.27 -2.12 -0.76
C ARG A 366 10.40 -3.13 -0.99
N LEU A 367 10.18 -4.14 -1.86
CA LEU A 367 11.24 -5.12 -2.13
C LEU A 367 12.34 -4.46 -2.98
N PHE A 368 11.97 -3.56 -3.92
CA PHE A 368 12.95 -2.86 -4.75
C PHE A 368 13.90 -2.03 -3.84
N GLU A 369 13.36 -1.41 -2.77
CA GLU A 369 14.17 -0.63 -1.82
C GLU A 369 15.21 -1.56 -1.18
N ASN A 370 14.82 -2.81 -0.85
CA ASN A 370 15.75 -3.77 -0.23
C ASN A 370 16.79 -4.21 -1.23
N LEU A 371 16.41 -4.41 -2.51
CA LEU A 371 17.35 -4.83 -3.53
C LEU A 371 18.41 -3.76 -3.85
N ARG A 372 18.12 -2.47 -3.54
CA ARG A 372 19.07 -1.37 -3.73
C ARG A 372 20.24 -1.49 -2.74
N MET A 373 20.05 -2.25 -1.66
CA MET A 373 21.04 -2.46 -0.61
C MET A 373 22.09 -3.51 -0.95
N LEU A 374 21.94 -4.23 -2.09
CA LEU A 374 22.94 -5.22 -2.51
C LEU A 374 24.21 -4.47 -2.97
N LYS B 10 2.77 9.66 31.53
CA LYS B 10 1.42 9.12 31.82
C LYS B 10 1.29 7.66 31.35
N LYS B 11 0.77 6.80 32.22
CA LYS B 11 0.59 5.36 31.97
C LYS B 11 -0.70 5.10 31.17
N VAL B 12 -0.62 4.19 30.17
CA VAL B 12 -1.77 3.82 29.34
C VAL B 12 -2.05 2.33 29.41
N CYS B 13 -3.31 1.96 29.73
CA CYS B 13 -3.70 0.57 29.69
C CYS B 13 -4.74 0.47 28.58
N TYR B 14 -4.79 -0.68 27.93
CA TYR B 14 -5.61 -0.82 26.73
C TYR B 14 -6.23 -2.20 26.73
N TYR B 15 -7.50 -2.29 26.40
CA TYR B 15 -8.27 -3.53 26.41
C TYR B 15 -8.62 -4.04 25.06
N TYR B 16 -8.39 -5.35 24.85
CA TYR B 16 -8.71 -5.94 23.58
C TYR B 16 -8.88 -7.44 23.74
N ASP B 17 -9.95 -8.01 23.17
CA ASP B 17 -10.16 -9.45 23.17
C ASP B 17 -10.05 -9.87 21.71
N GLY B 18 -9.21 -10.88 21.43
CA GLY B 18 -9.00 -11.42 20.10
C GLY B 18 -10.21 -11.92 19.35
N ASP B 19 -11.34 -12.20 20.04
CA ASP B 19 -12.54 -12.70 19.40
C ASP B 19 -13.41 -11.52 18.92
N ILE B 20 -13.13 -10.28 19.40
CA ILE B 20 -14.03 -9.14 19.12
C ILE B 20 -14.32 -8.95 17.64
N GLY B 21 -13.31 -9.12 16.78
CA GLY B 21 -13.49 -8.92 15.36
C GLY B 21 -14.32 -9.98 14.67
N ASN B 22 -14.67 -11.07 15.39
CA ASN B 22 -15.41 -12.17 14.80
C ASN B 22 -16.94 -12.04 14.89
N TYR B 23 -17.45 -11.10 15.72
CA TYR B 23 -18.88 -10.86 15.83
C TYR B 23 -19.33 -10.12 14.60
N TYR B 24 -20.44 -10.56 14.02
CA TYR B 24 -20.93 -10.02 12.76
C TYR B 24 -22.38 -9.61 12.79
N TYR B 25 -22.63 -8.34 12.53
CA TYR B 25 -23.99 -7.79 12.57
C TYR B 25 -24.90 -8.26 11.43
N GLY B 26 -24.31 -8.82 10.39
CA GLY B 26 -25.09 -9.30 9.24
C GLY B 26 -24.76 -8.60 7.95
N GLN B 27 -25.07 -9.27 6.82
CA GLN B 27 -24.81 -8.74 5.48
C GLN B 27 -25.35 -7.32 5.31
N GLY B 28 -24.47 -6.42 4.91
CA GLY B 28 -24.83 -5.02 4.64
C GLY B 28 -24.90 -4.09 5.86
N HIS B 29 -24.84 -4.65 7.08
CA HIS B 29 -24.93 -3.79 8.25
C HIS B 29 -23.63 -2.99 8.39
N PRO B 30 -23.74 -1.66 8.54
CA PRO B 30 -22.50 -0.85 8.57
C PRO B 30 -21.59 -1.08 9.75
N MET B 31 -22.13 -1.58 10.89
CA MET B 31 -21.27 -1.78 12.08
C MET B 31 -20.44 -3.04 11.92
N LYS B 32 -19.11 -2.87 11.92
CA LYS B 32 -18.19 -3.97 11.68
C LYS B 32 -17.17 -4.11 12.81
N PRO B 33 -17.40 -5.02 13.77
CA PRO B 33 -16.43 -5.22 14.86
C PRO B 33 -15.02 -5.55 14.35
N HIS B 34 -14.90 -6.09 13.11
CA HIS B 34 -13.59 -6.37 12.52
C HIS B 34 -12.69 -5.12 12.53
N ARG B 35 -13.29 -3.88 12.49
CA ARG B 35 -12.48 -2.68 12.51
C ARG B 35 -11.62 -2.58 13.79
N ILE B 36 -12.09 -3.18 14.89
CA ILE B 36 -11.36 -3.14 16.17
C ILE B 36 -10.12 -4.04 16.04
N ARG B 37 -10.26 -5.17 15.35
CA ARG B 37 -9.14 -6.08 15.10
C ARG B 37 -8.15 -5.39 14.12
N MET B 38 -8.66 -4.66 13.10
CA MET B 38 -7.73 -3.96 12.22
C MET B 38 -6.96 -2.91 13.00
N THR B 39 -7.65 -2.19 13.92
CA THR B 39 -6.96 -1.17 14.70
C THR B 39 -5.87 -1.86 15.53
N HIS B 40 -6.24 -2.95 16.21
CA HIS B 40 -5.26 -3.63 17.05
C HIS B 40 -4.04 -4.10 16.27
N ASN B 41 -4.25 -4.70 15.11
CA ASN B 41 -3.15 -5.24 14.33
C ASN B 41 -2.27 -4.12 13.79
N LEU B 42 -2.88 -2.97 13.47
CA LEU B 42 -2.07 -1.88 12.98
C LEU B 42 -1.19 -1.33 14.13
N LEU B 43 -1.77 -1.10 15.31
N LEU B 43 -1.79 -1.22 15.33
CA LEU B 43 -0.93 -0.56 16.37
CA LEU B 43 -1.07 -0.76 16.53
C LEU B 43 0.16 -1.58 16.84
C LEU B 43 0.12 -1.63 16.83
N LEU B 44 -0.08 -2.93 16.73
CA LEU B 44 0.96 -3.91 17.05
C LEU B 44 2.10 -3.76 16.03
N ASN B 45 1.76 -3.59 14.74
CA ASN B 45 2.76 -3.47 13.67
C ASN B 45 3.53 -2.16 13.74
N TYR B 46 2.96 -1.13 14.37
CA TYR B 46 3.66 0.13 14.64
C TYR B 46 4.58 -0.02 15.87
N GLY B 47 4.43 -1.13 16.62
CA GLY B 47 5.25 -1.38 17.80
C GLY B 47 4.75 -0.71 19.06
N LEU B 48 3.53 -0.20 19.03
CA LEU B 48 2.97 0.52 20.19
C LEU B 48 2.73 -0.35 21.45
N TYR B 49 2.67 -1.68 21.28
CA TYR B 49 2.49 -2.59 22.43
C TYR B 49 3.67 -2.48 23.39
N ARG B 50 4.84 -2.02 22.90
CA ARG B 50 6.03 -1.89 23.75
C ARG B 50 5.86 -0.84 24.83
N LYS B 51 4.96 0.13 24.62
CA LYS B 51 4.74 1.27 25.49
C LYS B 51 3.48 1.23 26.34
N MET B 52 2.66 0.19 26.20
CA MET B 52 1.44 0.20 26.99
C MET B 52 1.10 -1.17 27.56
N GLU B 53 0.25 -1.16 28.57
CA GLU B 53 -0.20 -2.39 29.20
C GLU B 53 -1.42 -2.83 28.42
N ILE B 54 -1.37 -4.02 27.90
CA ILE B 54 -2.46 -4.60 27.13
C ILE B 54 -3.12 -5.67 27.94
N TYR B 55 -4.45 -5.56 28.08
CA TYR B 55 -5.24 -6.55 28.83
C TYR B 55 -6.36 -7.09 27.98
N ARG B 56 -6.80 -8.31 28.32
CA ARG B 56 -7.95 -8.91 27.72
C ARG B 56 -9.09 -8.56 28.69
N PRO B 57 -10.20 -8.00 28.20
CA PRO B 57 -11.33 -7.72 29.10
C PRO B 57 -11.98 -9.01 29.57
N HIS B 58 -12.62 -8.93 30.73
CA HIS B 58 -13.43 -10.03 31.19
C HIS B 58 -14.78 -9.89 30.49
N LYS B 59 -15.62 -10.95 30.54
CA LYS B 59 -16.98 -10.86 30.02
C LYS B 59 -17.81 -10.25 31.15
N ALA B 60 -18.27 -8.99 30.99
CA ALA B 60 -19.08 -8.34 32.03
C ALA B 60 -20.26 -9.19 32.38
N THR B 61 -20.51 -9.30 33.69
CA THR B 61 -21.58 -10.14 34.18
C THR B 61 -22.93 -9.44 34.14
N ALA B 62 -24.02 -10.23 34.28
CA ALA B 62 -25.35 -9.63 34.35
C ALA B 62 -25.38 -8.68 35.61
N GLU B 63 -24.71 -9.05 36.73
CA GLU B 63 -24.63 -8.20 37.94
C GLU B 63 -24.03 -6.83 37.56
N GLU B 64 -22.98 -6.84 36.73
CA GLU B 64 -22.36 -5.59 36.30
C GLU B 64 -23.28 -4.79 35.41
N MET B 65 -23.92 -5.47 34.45
CA MET B 65 -24.78 -4.74 33.50
C MET B 65 -26.03 -4.16 34.11
N THR B 66 -26.57 -4.86 35.15
CA THR B 66 -27.77 -4.40 35.79
C THR B 66 -27.52 -3.27 36.79
N LYS B 67 -26.28 -2.74 36.89
CA LYS B 67 -26.02 -1.54 37.70
C LYS B 67 -26.76 -0.37 37.00
N TYR B 68 -27.07 -0.54 35.68
CA TYR B 68 -27.84 0.46 34.96
C TYR B 68 -29.06 -0.18 34.28
N HIS B 69 -28.85 -1.20 33.45
CA HIS B 69 -29.93 -1.79 32.69
C HIS B 69 -30.89 -2.58 33.54
N SER B 70 -32.13 -2.67 33.06
CA SER B 70 -33.13 -3.46 33.78
C SER B 70 -32.80 -4.96 33.66
N ASP B 71 -33.15 -5.70 34.71
CA ASP B 71 -32.98 -7.15 34.79
C ASP B 71 -33.62 -7.88 33.62
N GLU B 72 -34.83 -7.45 33.25
CA GLU B 72 -35.62 -8.03 32.17
C GLU B 72 -34.91 -7.86 30.81
N TYR B 73 -34.36 -6.67 30.57
CA TYR B 73 -33.66 -6.40 29.31
C TYR B 73 -32.37 -7.23 29.20
N ILE B 74 -31.57 -7.28 30.26
CA ILE B 74 -30.32 -8.08 30.23
C ILE B 74 -30.65 -9.56 30.07
N LYS B 75 -31.72 -10.03 30.77
CA LYS B 75 -32.11 -11.45 30.64
C LYS B 75 -32.50 -11.76 29.18
N PHE B 76 -33.20 -10.82 28.51
CA PHE B 76 -33.57 -10.98 27.13
C PHE B 76 -32.30 -11.04 26.25
N LEU B 77 -31.33 -10.10 26.48
CA LEU B 77 -30.13 -10.16 25.66
C LEU B 77 -29.37 -11.47 25.83
N ARG B 78 -29.42 -12.05 27.04
CA ARG B 78 -28.72 -13.30 27.37
C ARG B 78 -29.45 -14.52 26.81
N SER B 79 -30.69 -14.34 26.35
CA SER B 79 -31.52 -15.43 25.84
C SER B 79 -31.72 -15.47 24.36
N ILE B 80 -31.80 -14.29 23.72
CA ILE B 80 -32.12 -14.16 22.30
C ILE B 80 -31.03 -14.70 21.38
N ARG B 81 -31.42 -15.51 20.39
CA ARG B 81 -30.51 -16.11 19.45
C ARG B 81 -31.19 -16.15 18.09
N PRO B 82 -30.43 -16.20 16.97
CA PRO B 82 -31.11 -16.31 15.67
C PRO B 82 -32.05 -17.54 15.60
N ASP B 83 -31.69 -18.66 16.26
CA ASP B 83 -32.50 -19.90 16.25
C ASP B 83 -33.78 -19.84 17.12
N ASN B 84 -33.95 -18.82 18.00
CA ASN B 84 -35.17 -18.77 18.82
C ASN B 84 -35.97 -17.46 18.67
N MET B 85 -35.60 -16.60 17.69
CA MET B 85 -36.24 -15.33 17.36
C MET B 85 -37.76 -15.39 17.21
N SER B 86 -38.26 -16.48 16.60
CA SER B 86 -39.70 -16.72 16.39
C SER B 86 -40.45 -16.75 17.72
N GLU B 87 -39.84 -17.32 18.78
CA GLU B 87 -40.42 -17.43 20.12
C GLU B 87 -40.37 -16.09 20.90
N TYR B 88 -39.52 -15.14 20.46
CA TYR B 88 -39.32 -13.85 21.14
C TYR B 88 -39.75 -12.61 20.35
N SER B 89 -40.66 -12.76 19.35
CA SER B 89 -41.15 -11.65 18.51
C SER B 89 -41.65 -10.44 19.33
N LYS B 90 -42.47 -10.65 20.38
CA LYS B 90 -42.94 -9.52 21.20
C LYS B 90 -41.83 -8.87 22.04
N GLN B 91 -40.90 -9.69 22.57
CA GLN B 91 -39.79 -9.14 23.36
C GLN B 91 -38.82 -8.37 22.45
N MET B 92 -38.61 -8.84 21.20
CA MET B 92 -37.73 -8.11 20.25
C MET B 92 -38.30 -6.71 19.99
N GLN B 93 -39.65 -6.64 19.88
CA GLN B 93 -40.37 -5.40 19.67
C GLN B 93 -40.20 -4.51 20.89
N ARG B 94 -40.42 -5.05 22.11
CA ARG B 94 -40.31 -4.28 23.34
C ARG B 94 -38.91 -3.68 23.54
N PHE B 95 -37.88 -4.51 23.29
CA PHE B 95 -36.49 -4.13 23.55
C PHE B 95 -35.77 -3.51 22.35
N ASN B 96 -36.51 -3.22 21.26
CA ASN B 96 -36.03 -2.58 20.03
C ASN B 96 -34.90 -3.34 19.33
N VAL B 97 -35.00 -4.68 19.27
CA VAL B 97 -34.00 -5.47 18.58
C VAL B 97 -34.62 -5.97 17.27
N GLY B 98 -33.85 -5.95 16.17
CA GLY B 98 -34.32 -6.46 14.89
C GLY B 98 -34.01 -5.71 13.63
N GLU B 99 -33.67 -4.40 13.74
CA GLU B 99 -33.38 -3.55 12.58
C GLU B 99 -31.93 -3.01 12.65
N ASP B 100 -31.74 -1.86 13.31
CA ASP B 100 -30.39 -1.31 13.50
C ASP B 100 -29.67 -2.21 14.50
N CYS B 101 -30.42 -2.87 15.41
CA CYS B 101 -29.81 -3.71 16.42
C CYS B 101 -30.26 -5.14 16.18
N PRO B 102 -29.62 -5.83 15.25
CA PRO B 102 -30.08 -7.18 14.91
C PRO B 102 -29.68 -8.23 15.92
N VAL B 103 -30.28 -9.43 15.78
CA VAL B 103 -29.91 -10.58 16.57
C VAL B 103 -28.83 -11.28 15.76
N PHE B 104 -27.67 -11.50 16.36
CA PHE B 104 -26.62 -12.22 15.67
C PHE B 104 -25.99 -13.22 16.62
N ASP B 105 -25.28 -14.24 16.07
CA ASP B 105 -24.64 -15.23 16.91
C ASP B 105 -23.61 -14.58 17.86
N GLY B 106 -23.69 -14.90 19.15
CA GLY B 106 -22.76 -14.35 20.13
C GLY B 106 -23.02 -12.93 20.55
N LEU B 107 -24.21 -12.40 20.23
CA LEU B 107 -24.59 -11.03 20.60
C LEU B 107 -24.26 -10.74 22.07
N PHE B 108 -24.70 -11.60 22.99
CA PHE B 108 -24.47 -11.31 24.40
C PHE B 108 -23.00 -11.27 24.75
N GLU B 109 -22.22 -12.21 24.23
CA GLU B 109 -20.78 -12.26 24.48
C GLU B 109 -20.12 -10.98 23.94
N PHE B 110 -20.53 -10.52 22.72
CA PHE B 110 -20.00 -9.27 22.17
C PHE B 110 -20.28 -8.13 23.18
N CYS B 111 -21.54 -8.03 23.70
CA CYS B 111 -21.87 -7.00 24.68
C CYS B 111 -20.99 -7.13 25.91
N GLN B 112 -20.80 -8.37 26.37
CA GLN B 112 -20.00 -8.60 27.57
C GLN B 112 -18.54 -8.13 27.41
N LEU B 113 -17.96 -8.40 26.24
CA LEU B 113 -16.56 -8.01 26.01
C LEU B 113 -16.42 -6.51 25.80
N SER B 114 -17.37 -5.92 25.04
CA SER B 114 -17.35 -4.47 24.86
C SER B 114 -17.46 -3.77 26.22
N THR B 115 -18.42 -4.22 27.06
CA THR B 115 -18.65 -3.61 28.35
C THR B 115 -17.52 -3.88 29.33
N GLY B 116 -17.01 -5.10 29.31
CA GLY B 116 -15.93 -5.49 30.22
C GLY B 116 -14.73 -4.57 30.13
N GLY B 117 -14.35 -4.21 28.90
CA GLY B 117 -13.22 -3.32 28.73
C GLY B 117 -13.43 -1.94 29.35
N SER B 118 -14.66 -1.39 29.19
CA SER B 118 -14.93 -0.06 29.73
C SER B 118 -14.96 -0.06 31.25
N VAL B 119 -15.67 -1.02 31.82
CA VAL B 119 -15.75 -1.06 33.30
C VAL B 119 -14.38 -1.42 33.90
N ALA B 120 -13.64 -2.34 33.28
CA ALA B 120 -12.32 -2.68 33.81
C ALA B 120 -11.41 -1.45 33.76
N GLY B 121 -11.46 -0.67 32.65
CA GLY B 121 -10.65 0.53 32.55
C GLY B 121 -11.01 1.54 33.62
N ALA B 122 -12.32 1.70 33.89
CA ALA B 122 -12.78 2.63 34.94
C ALA B 122 -12.23 2.17 36.29
N VAL B 123 -12.24 0.84 36.56
CA VAL B 123 -11.69 0.32 37.85
C VAL B 123 -10.18 0.67 37.95
N LYS B 124 -9.41 0.46 36.87
CA LYS B 124 -7.99 0.78 36.88
C LYS B 124 -7.74 2.26 37.16
N LEU B 125 -8.60 3.16 36.61
CA LEU B 125 -8.47 4.59 36.84
C LEU B 125 -8.77 4.91 38.29
N ASN B 126 -9.84 4.31 38.86
CA ASN B 126 -10.25 4.56 40.26
C ASN B 126 -9.16 4.12 41.23
N ARG B 127 -8.51 3.02 40.93
CA ARG B 127 -7.45 2.46 41.79
C ARG B 127 -6.10 3.15 41.54
N GLN B 128 -6.09 4.16 40.65
CA GLN B 128 -4.92 4.97 40.32
C GLN B 128 -3.78 4.10 39.81
N GLN B 129 -4.13 2.99 39.11
CA GLN B 129 -3.17 2.06 38.52
C GLN B 129 -2.77 2.49 37.12
N THR B 130 -3.49 3.45 36.52
CA THR B 130 -3.20 3.98 35.19
C THR B 130 -3.70 5.42 35.14
N ASP B 131 -3.17 6.20 34.19
CA ASP B 131 -3.58 7.58 33.96
C ASP B 131 -4.64 7.59 32.85
N MET B 132 -4.52 6.65 31.89
CA MET B 132 -5.46 6.55 30.79
C MET B 132 -5.79 5.10 30.57
N ALA B 133 -7.04 4.81 30.24
CA ALA B 133 -7.46 3.45 29.88
C ALA B 133 -8.15 3.60 28.54
N VAL B 134 -7.90 2.66 27.65
CA VAL B 134 -8.47 2.69 26.29
C VAL B 134 -9.28 1.42 26.02
N ASN B 135 -10.50 1.58 25.46
CA ASN B 135 -11.29 0.40 25.05
C ASN B 135 -11.97 0.74 23.73
N TRP B 136 -11.33 0.42 22.62
CA TRP B 136 -11.93 0.74 21.32
C TRP B 136 -13.19 -0.05 21.03
N ALA B 137 -13.46 -1.16 21.76
CA ALA B 137 -14.69 -1.92 21.53
C ALA B 137 -15.88 -1.30 22.27
N GLY B 138 -15.64 -0.27 23.09
CA GLY B 138 -16.72 0.39 23.83
C GLY B 138 -17.19 1.66 23.15
N GLY B 139 -17.88 2.50 23.92
CA GLY B 139 -18.40 3.76 23.38
C GLY B 139 -19.80 3.64 22.74
N LEU B 140 -20.58 2.62 23.14
CA LEU B 140 -21.89 2.36 22.51
C LEU B 140 -22.96 3.23 23.17
N HIS B 141 -22.88 4.54 22.86
CA HIS B 141 -23.62 5.60 23.55
C HIS B 141 -25.14 5.67 23.41
N HIS B 142 -25.76 4.91 22.49
CA HIS B 142 -27.21 5.00 22.33
C HIS B 142 -28.03 4.06 23.20
N ALA B 143 -27.42 2.98 23.73
CA ALA B 143 -28.21 2.01 24.50
C ALA B 143 -28.89 2.66 25.67
N LYS B 144 -30.13 2.24 25.89
CA LYS B 144 -30.99 2.77 26.94
C LYS B 144 -31.17 1.77 28.06
N LYS B 145 -31.72 2.23 29.21
CA LYS B 145 -31.90 1.35 30.37
C LYS B 145 -32.55 0.02 29.99
N SER B 146 -33.62 0.06 29.17
CA SER B 146 -34.33 -1.16 28.80
C SER B 146 -34.59 -1.28 27.32
N GLU B 147 -33.69 -0.73 26.47
CA GLU B 147 -33.92 -0.79 25.04
C GLU B 147 -32.60 -0.67 24.28
N ALA B 148 -32.45 -1.45 23.20
CA ALA B 148 -31.28 -1.31 22.32
C ALA B 148 -31.58 -0.12 21.40
N SER B 149 -30.53 0.47 20.80
CA SER B 149 -30.76 1.56 19.87
C SER B 149 -29.48 1.84 19.12
N GLY B 150 -29.60 2.19 17.86
CA GLY B 150 -28.47 2.67 17.08
C GLY B 150 -27.22 1.82 17.16
N PHE B 151 -27.38 0.51 16.94
CA PHE B 151 -26.28 -0.49 16.91
C PHE B 151 -25.74 -0.80 18.30
N CYS B 152 -26.29 -0.17 19.34
CA CYS B 152 -25.82 -0.33 20.72
C CYS B 152 -26.81 -1.15 21.50
N TYR B 153 -26.32 -2.09 22.35
CA TYR B 153 -27.24 -2.91 23.16
C TYR B 153 -27.05 -2.64 24.64
N VAL B 154 -25.80 -2.62 25.09
CA VAL B 154 -25.44 -2.38 26.50
C VAL B 154 -24.64 -1.10 26.53
N ASN B 155 -25.06 -0.16 27.37
CA ASN B 155 -24.38 1.12 27.43
C ASN B 155 -23.15 1.03 28.31
N ASP B 156 -22.03 0.59 27.70
CA ASP B 156 -20.79 0.43 28.46
C ASP B 156 -20.32 1.74 29.05
N ILE B 157 -20.67 2.86 28.40
CA ILE B 157 -20.23 4.17 28.89
C ILE B 157 -20.91 4.50 30.19
N VAL B 158 -22.25 4.34 30.25
CA VAL B 158 -23.01 4.65 31.48
C VAL B 158 -22.44 3.75 32.58
N LEU B 159 -22.20 2.47 32.28
CA LEU B 159 -21.66 1.58 33.34
C LEU B 159 -20.26 2.00 33.80
N ALA B 160 -19.38 2.45 32.86
CA ALA B 160 -18.06 2.91 33.25
C ALA B 160 -18.17 4.17 34.10
N ILE B 161 -19.10 5.08 33.75
CA ILE B 161 -19.26 6.31 34.51
C ILE B 161 -19.77 5.99 35.92
N LEU B 162 -20.72 5.05 36.04
CA LEU B 162 -21.22 4.66 37.38
C LEU B 162 -20.06 4.13 38.21
N GLU B 163 -19.11 3.39 37.59
CA GLU B 163 -17.93 2.89 38.32
C GLU B 163 -17.07 4.09 38.73
N LEU B 164 -16.81 5.06 37.80
CA LEU B 164 -16.01 6.23 38.19
C LEU B 164 -16.69 7.03 39.31
N LEU B 165 -18.05 7.09 39.31
CA LEU B 165 -18.82 7.84 40.32
C LEU B 165 -18.62 7.29 41.73
N LYS B 166 -18.08 6.06 41.85
CA LYS B 166 -17.81 5.52 43.20
C LYS B 166 -16.68 6.34 43.87
N TYR B 167 -15.73 6.84 43.09
CA TYR B 167 -14.56 7.57 43.58
C TYR B 167 -14.49 9.03 43.23
N HIS B 168 -15.24 9.46 42.19
CA HIS B 168 -15.19 10.82 41.69
C HIS B 168 -16.48 11.56 41.87
N GLN B 169 -16.43 12.73 42.56
CA GLN B 169 -17.65 13.51 42.80
C GLN B 169 -18.26 13.99 41.48
N ARG B 170 -17.40 14.43 40.55
CA ARG B 170 -17.85 14.98 39.26
C ARG B 170 -17.06 14.30 38.14
N VAL B 171 -17.81 13.76 37.17
CA VAL B 171 -17.22 13.10 36.00
C VAL B 171 -17.68 13.86 34.76
N LEU B 172 -16.75 14.11 33.86
CA LEU B 172 -17.07 14.80 32.60
C LEU B 172 -17.11 13.76 31.48
N TYR B 173 -18.16 13.81 30.67
CA TYR B 173 -18.27 12.91 29.51
C TYR B 173 -18.21 13.80 28.27
N ILE B 174 -17.35 13.45 27.27
CA ILE B 174 -17.23 14.25 26.04
C ILE B 174 -17.46 13.24 24.88
N ASP B 175 -18.26 13.63 23.90
CA ASP B 175 -18.62 12.69 22.83
C ASP B 175 -18.39 13.35 21.46
N ILE B 176 -17.39 12.85 20.73
CA ILE B 176 -17.02 13.42 19.42
C ILE B 176 -17.48 12.51 18.26
N ASP B 177 -18.32 11.52 18.57
CA ASP B 177 -18.99 10.71 17.55
C ASP B 177 -19.87 11.72 16.75
N ILE B 178 -20.11 11.47 15.45
CA ILE B 178 -20.95 12.44 14.71
C ILE B 178 -22.41 12.43 15.23
N HIS B 179 -22.84 11.32 15.88
CA HIS B 179 -24.19 11.18 16.41
C HIS B 179 -24.26 11.67 17.85
N HIS B 180 -25.40 12.25 18.25
CA HIS B 180 -25.58 12.69 19.62
C HIS B 180 -25.47 11.49 20.60
N GLY B 181 -24.80 11.71 21.73
CA GLY B 181 -24.68 10.66 22.76
C GLY B 181 -25.91 10.70 23.66
N ASP B 182 -27.07 10.35 23.08
CA ASP B 182 -28.35 10.40 23.77
C ASP B 182 -28.50 9.47 24.97
N GLY B 183 -28.01 8.22 24.85
CA GLY B 183 -28.18 7.29 25.97
C GLY B 183 -27.41 7.70 27.20
N VAL B 184 -26.23 8.28 27.00
CA VAL B 184 -25.44 8.71 28.14
C VAL B 184 -26.08 9.99 28.73
N GLU B 185 -26.47 10.94 27.86
CA GLU B 185 -27.08 12.18 28.31
C GLU B 185 -28.33 11.85 29.15
N GLU B 186 -29.15 10.95 28.63
CA GLU B 186 -30.40 10.55 29.30
C GLU B 186 -30.16 9.93 30.68
N ALA B 187 -29.18 9.03 30.78
CA ALA B 187 -28.90 8.37 32.05
C ALA B 187 -28.57 9.36 33.17
N PHE B 188 -27.89 10.46 32.80
CA PHE B 188 -27.44 11.46 33.75
C PHE B 188 -28.09 12.85 33.63
N TYR B 189 -29.22 12.93 32.93
CA TYR B 189 -29.90 14.19 32.65
C TYR B 189 -30.31 14.96 33.87
N THR B 190 -30.59 14.26 34.97
CA THR B 190 -31.06 14.95 36.19
C THR B 190 -30.02 15.01 37.32
N THR B 191 -28.74 14.75 37.01
CA THR B 191 -27.69 14.87 38.02
C THR B 191 -26.61 15.85 37.61
N ASP B 192 -26.02 16.52 38.61
CA ASP B 192 -24.91 17.43 38.40
C ASP B 192 -23.59 16.66 38.61
N ARG B 193 -23.65 15.35 38.93
CA ARG B 193 -22.45 14.55 39.15
C ARG B 193 -21.80 14.08 37.86
N VAL B 194 -22.48 14.29 36.73
CA VAL B 194 -21.90 13.95 35.43
C VAL B 194 -22.32 15.07 34.52
N MET B 195 -21.36 15.72 33.88
CA MET B 195 -21.68 16.72 32.87
C MET B 195 -21.45 15.99 31.54
N THR B 196 -22.46 16.00 30.65
CA THR B 196 -22.30 15.35 29.34
C THR B 196 -22.15 16.44 28.28
N VAL B 197 -21.12 16.31 27.41
CA VAL B 197 -20.90 17.29 26.37
C VAL B 197 -20.83 16.54 25.04
N SER B 198 -21.79 16.82 24.13
CA SER B 198 -21.77 16.15 22.85
C SER B 198 -21.69 17.16 21.71
N PHE B 199 -20.81 16.88 20.73
CA PHE B 199 -20.67 17.63 19.46
C PHE B 199 -21.23 16.64 18.43
N HIS B 200 -22.19 17.07 17.59
CA HIS B 200 -22.79 16.12 16.66
C HIS B 200 -23.52 16.82 15.55
N LYS B 201 -23.80 16.08 14.49
CA LYS B 201 -24.61 16.59 13.39
C LYS B 201 -26.03 16.62 13.91
N TYR B 202 -26.73 17.74 13.65
CA TYR B 202 -28.10 17.87 14.10
C TYR B 202 -28.94 18.42 12.94
N GLY B 203 -30.14 17.89 12.81
CA GLY B 203 -31.07 18.31 11.76
C GLY B 203 -31.54 17.08 11.02
N GLU B 204 -32.64 16.49 11.50
CA GLU B 204 -33.22 15.27 10.93
C GLU B 204 -32.10 14.23 10.64
N TYR B 205 -31.32 13.94 11.68
CA TYR B 205 -30.19 13.01 11.61
C TYR B 205 -30.34 12.17 12.88
N PHE B 206 -30.03 10.86 12.81
CA PHE B 206 -30.20 10.01 13.98
C PHE B 206 -29.34 10.51 15.16
N PRO B 207 -29.82 10.47 16.42
CA PRO B 207 -31.12 9.98 16.90
C PRO B 207 -32.24 11.06 16.96
N GLY B 208 -31.95 12.27 16.48
CA GLY B 208 -32.94 13.36 16.48
C GLY B 208 -32.92 14.21 17.74
N THR B 209 -32.00 13.91 18.65
CA THR B 209 -31.85 14.61 19.92
C THR B 209 -30.58 15.45 19.95
N GLY B 210 -30.30 16.09 21.09
CA GLY B 210 -29.11 16.91 21.18
C GLY B 210 -29.29 18.32 20.67
N ASP B 211 -30.48 18.88 20.95
CA ASP B 211 -30.70 20.27 20.55
C ASP B 211 -29.87 21.14 21.51
N LEU B 212 -29.45 22.32 21.05
CA LEU B 212 -28.72 23.32 21.84
C LEU B 212 -29.47 23.60 23.18
N ARG B 213 -30.80 23.54 23.13
CA ARG B 213 -31.69 23.86 24.25
C ARG B 213 -31.89 22.73 25.24
N ASP B 214 -31.35 21.54 24.95
CA ASP B 214 -31.42 20.41 25.87
C ASP B 214 -30.23 20.62 26.80
N ILE B 215 -30.49 21.21 27.98
CA ILE B 215 -29.44 21.57 28.92
C ILE B 215 -29.46 20.79 30.26
N GLY B 216 -30.31 19.78 30.38
CA GLY B 216 -30.44 19.03 31.64
C GLY B 216 -31.72 19.45 32.35
N ALA B 217 -32.07 18.75 33.42
CA ALA B 217 -33.29 19.03 34.19
C ALA B 217 -33.05 18.82 35.68
N GLY B 218 -33.84 19.52 36.51
CA GLY B 218 -33.71 19.40 37.97
C GLY B 218 -32.32 19.77 38.44
N LYS B 219 -31.70 18.94 39.30
CA LYS B 219 -30.34 19.20 39.78
C LYS B 219 -29.34 19.19 38.59
N GLY B 220 -29.72 18.52 37.51
CA GLY B 220 -28.90 18.42 36.30
C GLY B 220 -29.02 19.61 35.34
N LYS B 221 -29.86 20.63 35.67
CA LYS B 221 -29.99 21.77 34.79
C LYS B 221 -28.64 22.46 34.65
N TYR B 222 -28.20 22.64 33.38
CA TYR B 222 -26.92 23.21 32.97
C TYR B 222 -25.78 22.16 32.95
N TYR B 223 -26.11 20.88 33.23
CA TYR B 223 -25.07 19.84 33.25
C TYR B 223 -25.15 18.93 32.03
N ALA B 224 -25.87 19.36 31.01
CA ALA B 224 -25.89 18.68 29.71
C ALA B 224 -25.58 19.79 28.71
N VAL B 225 -24.60 19.53 27.81
CA VAL B 225 -24.14 20.52 26.83
C VAL B 225 -24.20 19.86 25.47
N ASN B 226 -24.85 20.51 24.52
CA ASN B 226 -24.97 19.99 23.16
C ASN B 226 -24.55 21.01 22.15
N PHE B 227 -23.63 20.65 21.25
CA PHE B 227 -23.18 21.56 20.20
C PHE B 227 -23.65 20.96 18.85
N PRO B 228 -24.81 21.43 18.33
CA PRO B 228 -25.31 20.89 17.06
C PRO B 228 -24.57 21.51 15.90
N MET B 229 -24.20 20.67 14.93
N MET B 229 -24.17 20.64 14.94
CA MET B 229 -23.48 21.12 13.76
CA MET B 229 -23.39 21.02 13.78
C MET B 229 -24.13 20.70 12.48
C MET B 229 -24.04 20.62 12.46
N ARG B 230 -23.67 21.30 11.37
CA ARG B 230 -24.18 20.98 10.06
C ARG B 230 -23.10 20.17 9.31
N ASP B 231 -23.46 19.70 8.12
CA ASP B 231 -22.52 18.93 7.31
C ASP B 231 -21.26 19.71 7.00
N GLY B 232 -20.18 18.96 6.83
CA GLY B 232 -18.93 19.50 6.32
C GLY B 232 -17.96 20.19 7.24
N ILE B 233 -18.17 20.09 8.56
N ILE B 233 -18.18 20.10 8.57
CA ILE B 233 -17.24 20.72 9.49
CA ILE B 233 -17.24 20.75 9.48
C ILE B 233 -15.82 20.18 9.24
C ILE B 233 -15.83 20.19 9.23
N ASP B 234 -14.82 21.07 9.25
CA ASP B 234 -13.44 20.70 8.99
C ASP B 234 -12.60 20.83 10.26
N ASP B 235 -11.32 20.45 10.16
CA ASP B 235 -10.40 20.49 11.29
C ASP B 235 -10.29 21.86 11.95
N GLU B 236 -10.14 22.89 11.12
CA GLU B 236 -9.96 24.26 11.62
C GLU B 236 -11.17 24.69 12.44
N SER B 237 -12.37 24.52 11.87
CA SER B 237 -13.63 24.94 12.49
C SER B 237 -13.90 24.13 13.76
N TYR B 238 -13.70 22.80 13.68
CA TYR B 238 -13.98 21.97 14.85
C TYR B 238 -13.03 22.32 15.99
N GLY B 239 -11.74 22.49 15.66
CA GLY B 239 -10.71 22.77 16.67
C GLY B 239 -10.94 24.11 17.34
N GLN B 240 -11.42 25.10 16.56
CA GLN B 240 -11.71 26.46 17.08
C GLN B 240 -12.86 26.49 18.07
N ILE B 241 -13.73 25.48 18.05
CA ILE B 241 -14.77 25.48 19.07
C ILE B 241 -14.54 24.43 20.15
N PHE B 242 -13.87 23.27 19.83
CA PHE B 242 -13.68 22.24 20.85
C PHE B 242 -12.80 22.74 21.99
N LYS B 243 -11.62 23.33 21.68
CA LYS B 243 -10.70 23.77 22.75
C LYS B 243 -11.35 24.84 23.66
N PRO B 244 -11.98 25.91 23.14
CA PRO B 244 -12.61 26.89 24.06
C PRO B 244 -13.78 26.31 24.89
N ILE B 245 -14.62 25.45 24.26
CA ILE B 245 -15.75 24.86 25.00
C ILE B 245 -15.23 23.94 26.09
N ILE B 246 -14.31 23.01 25.74
CA ILE B 246 -13.81 22.11 26.78
C ILE B 246 -13.05 22.88 27.89
N SER B 247 -12.26 23.91 27.50
CA SER B 247 -11.52 24.69 28.51
C SER B 247 -12.52 25.38 29.47
N LYS B 248 -13.62 25.93 28.95
CA LYS B 248 -14.63 26.57 29.81
C LYS B 248 -15.33 25.54 30.70
N VAL B 249 -15.68 24.38 30.12
CA VAL B 249 -16.31 23.33 30.89
C VAL B 249 -15.34 22.92 32.03
N MET B 250 -14.02 22.79 31.73
CA MET B 250 -13.05 22.37 32.77
C MET B 250 -12.97 23.42 33.90
N GLU B 251 -12.95 24.69 33.51
CA GLU B 251 -12.88 25.83 34.45
C GLU B 251 -14.10 25.86 35.38
N MET B 252 -15.30 25.73 34.82
CA MET B 252 -16.55 25.82 35.58
C MET B 252 -16.96 24.58 36.31
N TYR B 253 -16.75 23.42 35.70
CA TYR B 253 -17.20 22.17 36.28
C TYR B 253 -16.19 21.48 37.16
N GLN B 254 -14.89 21.64 36.85
CA GLN B 254 -13.75 21.08 37.60
C GLN B 254 -13.97 19.57 37.89
N PRO B 255 -14.14 18.75 36.82
CA PRO B 255 -14.29 17.31 37.04
C PRO B 255 -13.00 16.67 37.54
N SER B 256 -13.11 15.49 38.14
CA SER B 256 -11.87 14.80 38.57
C SER B 256 -11.56 13.57 37.71
N ALA B 257 -12.46 13.24 36.73
CA ALA B 257 -12.23 12.12 35.81
C ALA B 257 -12.94 12.47 34.52
N VAL B 258 -12.43 11.94 33.38
CA VAL B 258 -13.07 12.26 32.10
C VAL B 258 -13.25 10.99 31.30
N VAL B 259 -14.39 10.90 30.60
CA VAL B 259 -14.65 9.79 29.66
C VAL B 259 -14.78 10.46 28.29
N LEU B 260 -13.96 10.03 27.31
CA LEU B 260 -14.01 10.61 25.98
C LEU B 260 -14.39 9.52 24.98
N GLN B 261 -15.57 9.67 24.39
CA GLN B 261 -16.08 8.73 23.35
C GLN B 261 -15.52 9.30 22.04
N CYS B 262 -14.71 8.46 21.33
CA CYS B 262 -13.98 8.85 20.13
C CYS B 262 -14.57 8.28 18.84
N GLY B 263 -15.88 8.25 18.72
CA GLY B 263 -16.54 7.74 17.49
C GLY B 263 -15.89 8.37 16.27
N ALA B 264 -15.45 7.52 15.34
CA ALA B 264 -14.68 7.92 14.18
C ALA B 264 -15.52 8.22 12.94
N ASP B 265 -16.84 8.24 13.13
CA ASP B 265 -17.77 8.58 12.06
C ASP B 265 -17.85 10.07 11.80
N SER B 266 -17.09 10.87 12.59
CA SER B 266 -16.99 12.30 12.35
C SER B 266 -15.84 12.57 11.34
N LEU B 267 -15.19 11.51 10.81
CA LEU B 267 -14.10 11.70 9.85
C LEU B 267 -14.65 11.90 8.45
N SER B 268 -13.87 12.63 7.64
CA SER B 268 -14.18 12.77 6.23
C SER B 268 -14.28 11.38 5.57
N GLY B 269 -15.24 11.23 4.69
CA GLY B 269 -15.40 9.98 3.95
C GLY B 269 -16.10 8.85 4.66
N ASP B 270 -16.67 9.14 5.85
CA ASP B 270 -17.35 8.05 6.56
C ASP B 270 -18.59 7.61 5.78
N ARG B 271 -18.87 6.31 5.80
CA ARG B 271 -20.03 5.76 5.10
C ARG B 271 -21.36 6.35 5.55
N LEU B 272 -21.49 6.65 6.85
N LEU B 272 -21.49 6.63 6.87
CA LEU B 272 -22.73 7.20 7.39
CA LEU B 272 -22.71 7.16 7.51
C LEU B 272 -22.64 8.70 7.67
C LEU B 272 -22.67 8.63 7.90
N GLY B 273 -21.46 9.16 8.07
CA GLY B 273 -21.23 10.55 8.47
C GLY B 273 -21.08 11.52 7.32
N CYS B 274 -21.31 12.80 7.63
CA CYS B 274 -21.26 13.90 6.69
C CYS B 274 -20.31 15.02 7.17
N PHE B 275 -19.32 14.71 8.05
CA PHE B 275 -18.35 15.70 8.47
C PHE B 275 -17.09 15.58 7.58
N ASN B 276 -16.14 16.51 7.77
CA ASN B 276 -14.93 16.56 6.97
C ASN B 276 -13.66 16.68 7.79
N LEU B 277 -13.58 15.96 8.93
CA LEU B 277 -12.37 15.99 9.76
C LEU B 277 -11.35 14.99 9.23
N THR B 278 -10.08 15.30 9.51
CA THR B 278 -9.02 14.34 9.21
C THR B 278 -8.75 13.61 10.54
N VAL B 279 -7.86 12.61 10.47
CA VAL B 279 -7.45 11.91 11.69
C VAL B 279 -6.73 12.91 12.64
N LYS B 280 -5.90 13.83 12.11
CA LYS B 280 -5.25 14.83 12.96
C LYS B 280 -6.28 15.73 13.65
N GLY B 281 -7.34 16.11 12.92
CA GLY B 281 -8.35 16.99 13.51
C GLY B 281 -9.16 16.30 14.59
N HIS B 282 -9.47 15.02 14.37
CA HIS B 282 -10.22 14.27 15.38
C HIS B 282 -9.29 14.05 16.61
N ALA B 283 -8.02 13.67 16.37
CA ALA B 283 -7.07 13.39 17.45
C ALA B 283 -6.69 14.61 18.27
N LYS B 284 -6.84 15.81 17.67
CA LYS B 284 -6.57 17.05 18.43
C LYS B 284 -7.48 17.08 19.67
N CYS B 285 -8.68 16.45 19.60
CA CYS B 285 -9.60 16.42 20.74
C CYS B 285 -8.96 15.67 21.88
N VAL B 286 -8.29 14.54 21.55
CA VAL B 286 -7.62 13.76 22.58
C VAL B 286 -6.47 14.60 23.15
N GLU B 287 -5.70 15.28 22.27
CA GLU B 287 -4.58 16.10 22.76
C GLU B 287 -5.11 17.17 23.73
N VAL B 288 -6.21 17.86 23.38
CA VAL B 288 -6.75 18.91 24.25
C VAL B 288 -7.18 18.34 25.59
N VAL B 289 -7.94 17.22 25.59
CA VAL B 289 -8.41 16.64 26.85
C VAL B 289 -7.23 16.25 27.74
N LYS B 290 -6.18 15.68 27.12
CA LYS B 290 -4.98 15.27 27.88
C LYS B 290 -4.30 16.42 28.63
N THR B 291 -4.31 17.67 28.08
CA THR B 291 -3.65 18.81 28.75
C THR B 291 -4.18 19.07 30.15
N PHE B 292 -5.39 18.59 30.47
CA PHE B 292 -5.97 18.81 31.78
C PHE B 292 -5.45 17.87 32.86
N ASN B 293 -4.65 16.85 32.48
CA ASN B 293 -4.02 15.92 33.45
C ASN B 293 -4.98 15.24 34.40
N LEU B 294 -6.12 14.80 33.86
CA LEU B 294 -7.11 14.09 34.66
C LEU B 294 -7.20 12.65 34.19
N PRO B 295 -7.51 11.70 35.11
CA PRO B 295 -7.73 10.30 34.71
C PRO B 295 -8.69 10.28 33.53
N LEU B 296 -8.34 9.54 32.48
CA LEU B 296 -9.09 9.57 31.24
C LEU B 296 -9.37 8.19 30.69
N LEU B 297 -10.66 7.94 30.39
CA LEU B 297 -11.07 6.68 29.78
C LEU B 297 -11.45 7.04 28.33
N MET B 298 -10.72 6.46 27.36
CA MET B 298 -10.95 6.71 25.94
C MET B 298 -11.68 5.49 25.39
N LEU B 299 -12.82 5.77 24.73
CA LEU B 299 -13.64 4.69 24.18
C LEU B 299 -13.87 4.89 22.69
N GLY B 300 -14.29 3.80 22.06
CA GLY B 300 -14.62 3.82 20.63
C GLY B 300 -16.03 4.39 20.40
N GLY B 301 -16.70 3.84 19.41
CA GLY B 301 -18.05 4.30 19.04
C GLY B 301 -18.27 4.02 17.56
N GLY B 302 -18.89 4.97 16.87
CA GLY B 302 -19.13 4.78 15.44
C GLY B 302 -17.87 4.82 14.60
N GLY B 303 -18.03 4.71 13.28
CA GLY B 303 -16.90 4.70 12.36
C GLY B 303 -17.23 3.57 11.41
N TYR B 304 -17.54 3.93 10.15
CA TYR B 304 -18.10 3.01 9.19
C TYR B 304 -17.31 2.88 7.90
N THR B 305 -16.20 3.64 7.74
CA THR B 305 -15.24 3.46 6.61
C THR B 305 -14.09 2.85 7.40
N ILE B 306 -14.07 1.49 7.46
CA ILE B 306 -13.20 0.80 8.43
C ILE B 306 -11.70 1.08 8.31
N ARG B 307 -11.18 1.30 7.09
CA ARG B 307 -9.75 1.62 7.04
C ARG B 307 -9.46 2.92 7.80
N ASN B 308 -10.41 3.89 7.74
CA ASN B 308 -10.19 5.18 8.41
C ASN B 308 -10.38 5.07 9.92
N VAL B 309 -11.24 4.15 10.37
CA VAL B 309 -11.43 3.92 11.82
C VAL B 309 -10.12 3.34 12.35
N ALA B 310 -9.54 2.33 11.65
CA ALA B 310 -8.27 1.76 12.14
C ALA B 310 -7.16 2.85 12.23
N ARG B 311 -7.09 3.72 11.23
CA ARG B 311 -6.11 4.80 11.24
C ARG B 311 -6.33 5.73 12.44
N CYS B 312 -7.59 6.14 12.63
CA CYS B 312 -7.94 7.08 13.66
C CYS B 312 -7.58 6.57 15.02
N TRP B 313 -8.06 5.38 15.34
CA TRP B 313 -7.83 4.86 16.70
C TRP B 313 -6.37 4.44 16.90
N THR B 314 -5.66 4.05 15.84
CA THR B 314 -4.24 3.78 16.02
C THR B 314 -3.54 5.09 16.36
N TYR B 315 -3.84 6.17 15.61
CA TYR B 315 -3.17 7.43 15.91
C TYR B 315 -3.54 7.96 17.30
N GLU B 316 -4.83 7.81 17.69
CA GLU B 316 -5.25 8.29 19.02
C GLU B 316 -4.58 7.50 20.13
N THR B 317 -4.28 6.19 19.86
CA THR B 317 -3.56 5.40 20.89
C THR B 317 -2.12 6.00 20.99
N ALA B 318 -1.49 6.32 19.83
CA ALA B 318 -0.17 6.95 19.84
C ALA B 318 -0.23 8.28 20.59
N VAL B 319 -1.30 9.08 20.39
CA VAL B 319 -1.43 10.37 21.10
C VAL B 319 -1.50 10.09 22.61
N ALA B 320 -2.29 9.08 23.01
CA ALA B 320 -2.41 8.75 24.44
C ALA B 320 -1.01 8.42 25.01
N LEU B 321 -0.19 7.77 24.21
CA LEU B 321 1.18 7.34 24.61
C LEU B 321 2.20 8.46 24.46
N ASP B 322 1.78 9.62 23.98
CA ASP B 322 2.66 10.77 23.74
C ASP B 322 3.79 10.31 22.79
N CYS B 323 3.41 9.51 21.74
N CYS B 323 3.42 9.59 21.73
CA CYS B 323 4.24 8.82 20.72
CA CYS B 323 4.34 9.07 20.75
C CYS B 323 3.87 9.30 19.31
C CYS B 323 3.90 9.61 19.41
N GLU B 324 4.85 9.74 18.51
CA GLU B 324 4.54 10.09 17.15
C GLU B 324 4.84 8.79 16.38
N ILE B 325 4.08 8.57 15.32
CA ILE B 325 4.28 7.37 14.52
C ILE B 325 4.36 7.81 13.08
N PRO B 326 5.09 7.08 12.22
CA PRO B 326 5.22 7.53 10.83
C PRO B 326 3.93 7.47 10.02
N ASN B 327 3.84 8.33 8.99
CA ASN B 327 2.69 8.33 8.09
C ASN B 327 2.71 7.09 7.22
N GLU B 328 3.91 6.57 6.94
CA GLU B 328 4.08 5.36 6.15
C GLU B 328 3.53 4.17 6.97
N LEU B 329 2.44 3.53 6.50
CA LEU B 329 1.91 2.42 7.30
C LEU B 329 2.85 1.25 7.32
N PRO B 330 3.00 0.58 8.46
CA PRO B 330 3.84 -0.62 8.48
C PRO B 330 3.04 -1.75 7.82
N TYR B 331 3.75 -2.76 7.32
CA TYR B 331 3.01 -3.90 6.80
C TYR B 331 2.17 -4.48 7.96
N ASN B 332 1.00 -5.03 7.65
CA ASN B 332 0.09 -5.57 8.64
C ASN B 332 -0.87 -6.55 7.96
N ASP B 333 -1.64 -7.30 8.78
CA ASP B 333 -2.56 -8.33 8.25
C ASP B 333 -3.61 -7.82 7.29
N TYR B 334 -3.88 -6.49 7.30
CA TYR B 334 -4.93 -5.91 6.48
C TYR B 334 -4.35 -4.83 5.60
N PHE B 335 -3.07 -4.96 5.20
CA PHE B 335 -2.39 -3.89 4.45
C PHE B 335 -3.14 -3.41 3.22
N GLU B 336 -3.73 -4.36 2.45
CA GLU B 336 -4.46 -4.00 1.23
C GLU B 336 -5.71 -3.12 1.48
N TYR B 337 -6.23 -3.11 2.73
CA TYR B 337 -7.41 -2.27 2.99
C TYR B 337 -7.08 -0.79 2.97
N PHE B 338 -5.79 -0.45 3.10
CA PHE B 338 -5.32 0.94 3.22
C PHE B 338 -4.83 1.55 1.94
N GLY B 339 -5.10 0.90 0.81
CA GLY B 339 -4.77 1.49 -0.46
C GLY B 339 -5.73 2.64 -0.73
N PRO B 340 -5.45 3.47 -1.73
CA PRO B 340 -4.29 3.38 -2.63
C PRO B 340 -2.98 3.93 -2.17
N ASP B 341 -3.01 4.67 -1.06
CA ASP B 341 -1.86 5.39 -0.55
C ASP B 341 -1.05 4.71 0.54
N PHE B 342 -1.66 3.85 1.34
CA PHE B 342 -0.96 3.15 2.43
C PHE B 342 -0.35 4.14 3.42
N LYS B 343 -1.06 5.26 3.67
CA LYS B 343 -0.62 6.26 4.66
C LYS B 343 -1.56 6.21 5.86
N LEU B 344 -1.09 6.67 7.01
CA LEU B 344 -1.92 6.69 8.20
C LEU B 344 -2.93 7.85 8.14
N HIS B 345 -2.45 9.03 7.70
CA HIS B 345 -3.26 10.24 7.70
C HIS B 345 -4.10 10.37 6.44
N ILE B 346 -5.25 11.06 6.60
CA ILE B 346 -6.18 11.23 5.48
C ILE B 346 -6.34 12.69 5.14
N SER B 347 -6.78 12.94 3.91
CA SER B 347 -7.03 14.29 3.45
C SER B 347 -8.53 14.58 3.52
N PRO B 348 -8.88 15.85 3.71
CA PRO B 348 -10.29 16.23 3.71
C PRO B 348 -10.79 16.23 2.26
N SER B 349 -12.11 16.25 2.10
CA SER B 349 -12.68 16.31 0.76
C SER B 349 -12.98 17.76 0.42
N ASN B 350 -13.54 17.99 -0.78
CA ASN B 350 -13.94 19.34 -1.22
C ASN B 350 -15.37 19.67 -0.78
N MET B 351 -15.97 18.86 0.11
CA MET B 351 -17.35 19.16 0.54
C MET B 351 -17.44 20.53 1.20
N THR B 352 -18.56 21.22 0.97
CA THR B 352 -18.76 22.53 1.56
C THR B 352 -18.96 22.39 3.07
N ASN B 353 -18.34 23.30 3.84
CA ASN B 353 -18.53 23.39 5.29
C ASN B 353 -19.77 24.27 5.49
N GLN B 354 -20.89 23.65 5.85
CA GLN B 354 -22.15 24.42 6.06
C GLN B 354 -22.18 25.19 7.38
N ASN B 355 -21.17 24.98 8.24
CA ASN B 355 -21.04 25.65 9.53
C ASN B 355 -20.29 26.95 9.27
N THR B 356 -21.04 28.02 9.07
CA THR B 356 -20.38 29.30 8.83
C THR B 356 -19.62 29.78 10.10
N PRO B 357 -18.59 30.66 9.97
CA PRO B 357 -17.90 31.15 11.19
C PRO B 357 -18.85 31.80 12.17
N GLU B 358 -19.90 32.50 11.65
CA GLU B 358 -20.87 33.17 12.53
C GLU B 358 -21.76 32.17 13.26
N TYR B 359 -22.18 31.10 12.57
CA TYR B 359 -22.99 30.06 13.18
C TYR B 359 -22.18 29.45 14.34
N MET B 360 -20.90 29.10 14.08
N MET B 360 -20.91 29.10 14.09
CA MET B 360 -20.03 28.49 15.09
CA MET B 360 -20.08 28.49 15.14
C MET B 360 -19.87 29.36 16.32
C MET B 360 -19.89 29.37 16.35
N GLU B 361 -19.59 30.67 16.12
CA GLU B 361 -19.40 31.60 17.23
C GLU B 361 -20.69 31.88 18.01
N LYS B 362 -21.83 31.97 17.28
CA LYS B 362 -23.13 32.20 17.92
C LYS B 362 -23.50 31.04 18.83
N ILE B 363 -23.31 29.79 18.34
CA ILE B 363 -23.63 28.64 19.19
C ILE B 363 -22.65 28.61 20.37
N LYS B 364 -21.35 28.85 20.11
CA LYS B 364 -20.34 28.85 21.18
C LYS B 364 -20.71 29.90 22.27
N GLN B 365 -21.22 31.07 21.83
CA GLN B 365 -21.62 32.10 22.78
C GLN B 365 -22.79 31.67 23.62
N ARG B 366 -23.79 31.00 23.00
CA ARG B 366 -24.97 30.50 23.73
C ARG B 366 -24.52 29.45 24.78
N LEU B 367 -23.59 28.55 24.40
CA LEU B 367 -23.10 27.54 25.37
C LEU B 367 -22.28 28.17 26.49
N PHE B 368 -21.49 29.21 26.18
N PHE B 368 -21.48 29.20 26.18
CA PHE B 368 -20.70 29.91 27.20
CA PHE B 368 -20.69 29.88 27.22
C PHE B 368 -21.63 30.53 28.25
C PHE B 368 -21.64 30.54 28.25
N GLU B 369 -22.82 31.04 27.80
CA GLU B 369 -23.85 31.65 28.67
C GLU B 369 -24.41 30.60 29.62
N ASN B 370 -24.67 29.39 29.09
CA ASN B 370 -25.15 28.31 29.96
C ASN B 370 -24.06 27.89 30.93
N LEU B 371 -22.80 27.84 30.49
CA LEU B 371 -21.71 27.41 31.38
C LEU B 371 -21.48 28.37 32.53
N ARG B 372 -21.67 29.67 32.26
CA ARG B 372 -21.51 30.72 33.26
C ARG B 372 -22.59 30.61 34.37
N MET B 373 -23.66 29.80 34.15
CA MET B 373 -24.76 29.56 35.11
C MET B 373 -24.40 28.55 36.21
N LEU B 374 -23.25 27.82 36.06
CA LEU B 374 -22.80 26.86 37.07
C LEU B 374 -22.38 27.62 38.34
N LYS C 9 -6.49 37.93 -21.05
CA LYS C 9 -7.84 37.74 -20.53
C LYS C 9 -7.85 36.77 -19.34
N LYS C 10 -7.35 35.52 -19.55
CA LYS C 10 -7.29 34.49 -18.50
C LYS C 10 -6.32 34.93 -17.39
N LYS C 11 -6.64 34.59 -16.12
CA LYS C 11 -5.85 34.95 -14.95
C LYS C 11 -4.66 34.00 -14.78
N VAL C 12 -3.46 34.57 -14.56
CA VAL C 12 -2.21 33.82 -14.38
C VAL C 12 -1.58 34.18 -13.02
N CYS C 13 -1.33 33.17 -12.18
CA CYS C 13 -0.66 33.34 -10.89
C CYS C 13 0.69 32.69 -11.04
N TYR C 14 1.74 33.36 -10.59
CA TYR C 14 3.12 32.92 -10.75
C TYR C 14 3.80 32.82 -9.42
N TYR C 15 4.50 31.69 -9.18
CA TYR C 15 5.17 31.40 -7.91
C TYR C 15 6.67 31.44 -8.03
N TYR C 16 7.30 32.23 -7.14
CA TYR C 16 8.74 32.41 -7.17
C TYR C 16 9.25 32.90 -5.83
N ASP C 17 10.35 32.30 -5.36
CA ASP C 17 11.02 32.72 -4.14
C ASP C 17 12.41 33.20 -4.57
N GLY C 18 12.77 34.41 -4.17
CA GLY C 18 14.05 35.03 -4.49
C GLY C 18 15.31 34.30 -4.08
N ASP C 19 15.20 33.33 -3.15
CA ASP C 19 16.35 32.54 -2.70
C ASP C 19 16.62 31.34 -3.60
N ILE C 20 15.61 30.92 -4.42
CA ILE C 20 15.75 29.73 -5.24
C ILE C 20 17.05 29.70 -6.08
N GLY C 21 17.42 30.84 -6.67
CA GLY C 21 18.61 30.96 -7.50
C GLY C 21 19.94 30.77 -6.79
N ASN C 22 19.93 30.72 -5.44
CA ASN C 22 21.14 30.58 -4.63
C ASN C 22 21.54 29.15 -4.31
N TYR C 23 20.65 28.16 -4.55
CA TYR C 23 20.97 26.77 -4.27
C TYR C 23 21.91 26.26 -5.35
N TYR C 24 22.95 25.55 -4.94
CA TYR C 24 23.99 25.09 -5.83
C TYR C 24 24.25 23.62 -5.73
N TYR C 25 24.06 22.88 -6.84
CA TYR C 25 24.28 21.44 -6.85
C TYR C 25 25.75 20.99 -6.77
N GLY C 26 26.68 21.92 -6.99
CA GLY C 26 28.10 21.62 -6.96
C GLY C 26 28.76 21.89 -8.30
N GLN C 27 30.10 22.11 -8.30
CA GLN C 27 30.87 22.39 -9.52
C GLN C 27 30.70 21.28 -10.57
N GLY C 28 30.39 21.68 -11.79
CA GLY C 28 30.21 20.76 -12.90
C GLY C 28 28.86 20.10 -12.99
N HIS C 29 28.01 20.17 -11.92
CA HIS C 29 26.70 19.53 -12.01
C HIS C 29 25.83 20.33 -12.99
N PRO C 30 25.17 19.68 -13.96
CA PRO C 30 24.39 20.46 -14.94
C PRO C 30 23.14 21.16 -14.42
N MET C 31 22.56 20.73 -13.27
CA MET C 31 21.35 21.36 -12.77
C MET C 31 21.72 22.68 -12.11
N LYS C 32 21.20 23.79 -12.64
CA LYS C 32 21.53 25.14 -12.16
C LYS C 32 20.31 25.95 -11.73
N PRO C 33 19.93 25.94 -10.44
CA PRO C 33 18.74 26.70 -10.01
C PRO C 33 18.83 28.18 -10.37
N HIS C 34 20.05 28.70 -10.59
CA HIS C 34 20.23 30.11 -11.02
C HIS C 34 19.43 30.38 -12.32
N ARG C 35 19.19 29.34 -13.16
CA ARG C 35 18.37 29.53 -14.39
C ARG C 35 16.95 30.06 -14.08
N ILE C 36 16.41 29.77 -12.86
N ILE C 36 16.40 29.77 -12.88
CA ILE C 36 15.08 30.23 -12.46
CA ILE C 36 15.06 30.24 -12.52
C ILE C 36 15.12 31.74 -12.23
C ILE C 36 15.11 31.75 -12.25
N ARG C 37 16.22 32.23 -11.64
CA ARG C 37 16.41 33.67 -11.35
C ARG C 37 16.57 34.44 -12.68
N MET C 38 17.32 33.85 -13.61
CA MET C 38 17.53 34.41 -14.96
C MET C 38 16.20 34.54 -15.67
N THR C 39 15.35 33.48 -15.59
CA THR C 39 14.03 33.50 -16.21
C THR C 39 13.18 34.61 -15.60
N HIS C 40 13.15 34.69 -14.26
CA HIS C 40 12.38 35.70 -13.53
C HIS C 40 12.80 37.12 -13.91
N ASN C 41 14.11 37.37 -13.92
CA ASN C 41 14.60 38.70 -14.27
C ASN C 41 14.25 39.09 -15.71
N LEU C 42 14.33 38.12 -16.65
CA LEU C 42 13.99 38.39 -18.05
C LEU C 42 12.51 38.74 -18.16
N LEU C 43 11.62 37.95 -17.51
CA LEU C 43 10.18 38.16 -17.46
C LEU C 43 9.80 39.52 -16.91
N LEU C 44 10.46 39.95 -15.81
CA LEU C 44 10.22 41.23 -15.17
C LEU C 44 10.56 42.38 -16.12
N ASN C 45 11.67 42.25 -16.84
CA ASN C 45 12.14 43.27 -17.77
C ASN C 45 11.27 43.38 -19.04
N TYR C 46 10.49 42.33 -19.36
CA TYR C 46 9.56 42.36 -20.47
C TYR C 46 8.25 43.02 -20.03
N GLY C 47 8.11 43.25 -18.72
CA GLY C 47 6.95 43.87 -18.10
C GLY C 47 5.78 42.93 -17.85
N LEU C 48 6.04 41.61 -17.90
CA LEU C 48 5.01 40.59 -17.70
C LEU C 48 4.45 40.56 -16.26
N TYR C 49 5.19 41.13 -15.28
CA TYR C 49 4.75 41.26 -13.89
C TYR C 49 3.48 42.14 -13.76
N ARG C 50 3.31 43.08 -14.71
CA ARG C 50 2.15 43.99 -14.76
C ARG C 50 0.86 43.27 -15.12
N LYS C 51 0.98 42.07 -15.76
CA LYS C 51 -0.14 41.27 -16.22
C LYS C 51 -0.47 40.04 -15.36
N MET C 52 0.36 39.71 -14.35
CA MET C 52 0.11 38.52 -13.52
C MET C 52 0.35 38.74 -12.02
N GLU C 53 -0.30 37.92 -11.18
CA GLU C 53 -0.15 37.99 -9.73
C GLU C 53 1.07 37.14 -9.37
N ILE C 54 2.07 37.78 -8.74
CA ILE C 54 3.31 37.12 -8.33
C ILE C 54 3.30 36.82 -6.83
N TYR C 55 3.46 35.54 -6.47
CA TYR C 55 3.45 35.10 -5.07
C TYR C 55 4.72 34.41 -4.64
N ARG C 56 5.14 34.66 -3.39
CA ARG C 56 6.31 33.99 -2.82
C ARG C 56 5.68 32.75 -2.20
N PRO C 57 6.03 31.53 -2.65
CA PRO C 57 5.39 30.34 -2.08
C PRO C 57 5.85 30.01 -0.66
N HIS C 58 4.96 29.41 0.12
CA HIS C 58 5.21 28.95 1.49
C HIS C 58 6.12 27.72 1.29
N LYS C 59 7.02 27.46 2.24
CA LYS C 59 7.88 26.28 2.17
C LYS C 59 6.98 25.08 2.50
N ALA C 60 6.98 24.04 1.65
CA ALA C 60 6.16 22.84 1.92
C ALA C 60 6.72 22.16 3.16
N THR C 61 5.86 21.72 4.09
CA THR C 61 6.39 21.08 5.30
C THR C 61 6.82 19.65 5.01
N ALA C 62 7.65 19.11 5.90
CA ALA C 62 8.11 17.75 5.82
C ALA C 62 6.86 16.84 5.88
N GLU C 63 5.85 17.22 6.71
CA GLU C 63 4.62 16.44 6.85
C GLU C 63 3.87 16.38 5.52
N GLU C 64 3.74 17.53 4.84
CA GLU C 64 3.11 17.62 3.52
C GLU C 64 3.82 16.65 2.55
N MET C 65 5.17 16.61 2.60
CA MET C 65 5.93 15.73 1.69
C MET C 65 5.60 14.27 1.91
N THR C 66 5.32 13.89 3.18
CA THR C 66 4.99 12.50 3.49
C THR C 66 3.58 12.08 3.05
N LYS C 67 2.81 12.97 2.36
CA LYS C 67 1.55 12.51 1.80
C LYS C 67 1.90 11.52 0.69
N TYR C 68 3.13 11.62 0.15
CA TYR C 68 3.58 10.69 -0.87
C TYR C 68 4.86 9.97 -0.45
N HIS C 69 5.92 10.73 -0.12
CA HIS C 69 7.20 10.13 0.20
C HIS C 69 7.20 9.41 1.54
N SER C 70 8.09 8.43 1.69
CA SER C 70 8.17 7.70 2.97
C SER C 70 8.78 8.62 4.04
N ASP C 71 8.43 8.36 5.33
CA ASP C 71 8.96 9.17 6.41
C ASP C 71 10.45 9.02 6.53
N GLU C 72 10.98 7.79 6.35
CA GLU C 72 12.42 7.61 6.49
C GLU C 72 13.17 8.39 5.42
N TYR C 73 12.62 8.45 4.20
CA TYR C 73 13.28 9.19 3.15
C TYR C 73 13.27 10.71 3.42
N ILE C 74 12.12 11.26 3.84
CA ILE C 74 12.03 12.68 4.13
C ILE C 74 12.89 13.03 5.34
N LYS C 75 12.92 12.16 6.37
CA LYS C 75 13.74 12.39 7.57
C LYS C 75 15.21 12.47 7.11
N PHE C 76 15.60 11.59 6.17
CA PHE C 76 16.95 11.58 5.63
C PHE C 76 17.24 12.91 4.90
N LEU C 77 16.34 13.36 3.97
CA LEU C 77 16.56 14.62 3.26
C LEU C 77 16.70 15.80 4.21
N ARG C 78 15.95 15.79 5.33
CA ARG C 78 15.98 16.86 6.32
C ARG C 78 17.26 16.89 7.15
N SER C 79 17.90 15.71 7.30
CA SER C 79 19.06 15.49 8.17
C SER C 79 20.42 15.48 7.52
N ILE C 80 20.52 14.98 6.28
CA ILE C 80 21.79 14.88 5.60
C ILE C 80 22.44 16.25 5.34
N ARG C 81 23.77 16.30 5.50
CA ARG C 81 24.49 17.55 5.30
C ARG C 81 25.83 17.18 4.66
N PRO C 82 26.45 18.10 3.91
CA PRO C 82 27.77 17.78 3.32
C PRO C 82 28.81 17.29 4.33
N ASP C 83 28.76 17.80 5.57
CA ASP C 83 29.73 17.41 6.62
C ASP C 83 29.37 16.14 7.43
N ASN C 84 28.20 15.51 7.20
CA ASN C 84 27.86 14.30 7.97
C ASN C 84 27.60 13.07 7.12
N MET C 85 27.94 13.10 5.82
CA MET C 85 27.71 11.99 4.89
C MET C 85 28.30 10.62 5.32
N SER C 86 29.44 10.61 6.06
CA SER C 86 30.07 9.36 6.54
C SER C 86 29.15 8.54 7.45
N GLU C 87 28.30 9.24 8.23
CA GLU C 87 27.33 8.65 9.16
C GLU C 87 26.08 8.13 8.45
N TYR C 88 25.89 8.51 7.16
CA TYR C 88 24.71 8.14 6.39
C TYR C 88 25.00 7.33 5.12
N SER C 89 26.18 6.68 5.00
CA SER C 89 26.54 5.90 3.81
C SER C 89 25.49 4.85 3.39
N LYS C 90 24.93 4.11 4.37
CA LYS C 90 23.90 3.10 4.08
C LYS C 90 22.61 3.75 3.56
N GLN C 91 22.19 4.85 4.19
CA GLN C 91 20.97 5.57 3.78
C GLN C 91 21.18 6.23 2.43
N MET C 92 22.42 6.70 2.14
CA MET C 92 22.68 7.31 0.83
C MET C 92 22.50 6.26 -0.26
N GLN C 93 22.96 5.02 0.01
CA GLN C 93 22.78 3.93 -0.97
C GLN C 93 21.29 3.60 -1.12
N ARG C 94 20.56 3.50 0.00
CA ARG C 94 19.11 3.17 0.01
C ARG C 94 18.29 4.20 -0.75
N PHE C 95 18.63 5.48 -0.57
CA PHE C 95 17.86 6.59 -1.15
C PHE C 95 18.45 7.17 -2.43
N ASN C 96 19.55 6.57 -2.96
CA ASN C 96 20.18 6.97 -4.23
C ASN C 96 20.68 8.42 -4.22
N VAL C 97 21.29 8.83 -3.11
CA VAL C 97 21.84 10.17 -2.97
C VAL C 97 23.38 10.09 -3.01
N GLY C 98 24.01 11.06 -3.70
CA GLY C 98 25.46 11.16 -3.79
C GLY C 98 26.11 11.27 -5.16
N GLU C 99 25.35 11.13 -6.25
CA GLU C 99 25.90 11.18 -7.62
C GLU C 99 25.12 12.21 -8.46
N ASP C 100 24.04 11.78 -9.15
CA ASP C 100 23.18 12.69 -9.89
C ASP C 100 22.45 13.54 -8.88
N CYS C 101 22.25 13.01 -7.65
CA CYS C 101 21.50 13.72 -6.62
C CYS C 101 22.44 13.97 -5.44
N PRO C 102 23.30 15.00 -5.56
CA PRO C 102 24.27 15.24 -4.50
C PRO C 102 23.66 15.85 -3.25
N VAL C 103 24.45 15.83 -2.19
CA VAL C 103 24.11 16.47 -0.95
C VAL C 103 24.69 17.88 -1.09
N PHE C 104 23.86 18.90 -0.97
CA PHE C 104 24.32 20.28 -1.01
C PHE C 104 23.71 21.10 0.11
N ASP C 105 24.34 22.26 0.45
CA ASP C 105 23.84 23.13 1.51
C ASP C 105 22.44 23.64 1.17
N GLY C 106 21.53 23.47 2.11
CA GLY C 106 20.17 23.94 1.92
C GLY C 106 19.30 23.04 1.04
N LEU C 107 19.75 21.81 0.77
CA LEU C 107 19.02 20.82 -0.04
C LEU C 107 17.54 20.72 0.38
N PHE C 108 17.28 20.56 1.69
CA PHE C 108 15.89 20.42 2.13
C PHE C 108 15.08 21.67 1.85
N GLU C 109 15.66 22.87 2.07
CA GLU C 109 14.93 24.10 1.83
C GLU C 109 14.64 24.27 0.33
N PHE C 110 15.58 23.84 -0.51
CA PHE C 110 15.39 23.90 -1.97
C PHE C 110 14.15 23.04 -2.32
N CYS C 111 14.05 21.83 -1.73
CA CYS C 111 12.89 20.94 -1.94
C CYS C 111 11.60 21.57 -1.45
N GLN C 112 11.66 22.24 -0.28
CA GLN C 112 10.47 22.86 0.28
C GLN C 112 9.94 24.00 -0.60
N LEU C 113 10.85 24.75 -1.23
CA LEU C 113 10.43 25.89 -2.08
C LEU C 113 9.93 25.40 -3.44
N SER C 114 10.64 24.42 -4.04
CA SER C 114 10.26 23.81 -5.30
C SER C 114 8.85 23.23 -5.14
N THR C 115 8.63 22.43 -4.05
CA THR C 115 7.34 21.81 -3.77
C THR C 115 6.28 22.81 -3.37
N GLY C 116 6.67 23.79 -2.54
CA GLY C 116 5.74 24.81 -2.05
C GLY C 116 5.06 25.55 -3.18
N GLY C 117 5.82 25.88 -4.22
CA GLY C 117 5.24 26.57 -5.36
C GLY C 117 4.24 25.72 -6.13
N SER C 118 4.53 24.41 -6.31
CA SER C 118 3.60 23.55 -7.04
C SER C 118 2.31 23.33 -6.27
N VAL C 119 2.42 23.03 -4.97
CA VAL C 119 1.23 22.79 -4.17
C VAL C 119 0.40 24.09 -4.03
N ALA C 120 1.06 25.25 -3.85
CA ALA C 120 0.32 26.52 -3.74
C ALA C 120 -0.46 26.79 -5.03
N GLY C 121 0.17 26.49 -6.17
CA GLY C 121 -0.45 26.63 -7.47
C GLY C 121 -1.69 25.75 -7.56
N ALA C 122 -1.58 24.48 -7.12
CA ALA C 122 -2.72 23.55 -7.13
C ALA C 122 -3.86 24.08 -6.25
N VAL C 123 -3.52 24.58 -5.02
CA VAL C 123 -4.54 25.13 -4.12
C VAL C 123 -5.26 26.30 -4.81
N LYS C 124 -4.48 27.21 -5.44
CA LYS C 124 -5.06 28.39 -6.12
C LYS C 124 -6.04 27.97 -7.24
N LEU C 125 -5.71 26.89 -7.96
CA LEU C 125 -6.57 26.36 -9.02
C LEU C 125 -7.82 25.70 -8.42
N ASN C 126 -7.63 24.94 -7.32
CA ASN C 126 -8.74 24.29 -6.63
C ASN C 126 -9.78 25.30 -6.12
N ARG C 127 -9.30 26.41 -5.54
CA ARG C 127 -10.09 27.50 -4.98
C ARG C 127 -10.74 28.38 -6.08
N GLN C 128 -10.41 28.12 -7.39
CA GLN C 128 -10.96 28.85 -8.55
C GLN C 128 -10.57 30.34 -8.48
N GLN C 129 -9.34 30.59 -8.00
CA GLN C 129 -8.82 31.94 -7.84
C GLN C 129 -7.89 32.32 -9.00
N THR C 130 -7.62 31.36 -9.91
CA THR C 130 -6.78 31.56 -11.10
C THR C 130 -7.12 30.55 -12.18
N ASP C 131 -6.78 30.86 -13.44
CA ASP C 131 -7.00 29.97 -14.58
C ASP C 131 -5.75 29.13 -14.81
N MET C 132 -4.56 29.76 -14.59
CA MET C 132 -3.25 29.16 -14.73
C MET C 132 -2.39 29.52 -13.54
N ALA C 133 -1.55 28.58 -13.09
CA ALA C 133 -0.58 28.75 -12.02
C ALA C 133 0.74 28.29 -12.61
N VAL C 134 1.82 29.04 -12.35
CA VAL C 134 3.15 28.76 -12.90
C VAL C 134 4.18 28.63 -11.78
N ASN C 135 4.98 27.54 -11.83
CA ASN C 135 6.06 27.33 -10.86
C ASN C 135 7.26 26.77 -11.61
N TRP C 136 8.14 27.68 -12.10
CA TRP C 136 9.29 27.25 -12.86
C TRP C 136 10.33 26.47 -12.02
N ALA C 137 10.23 26.57 -10.68
CA ALA C 137 11.14 25.85 -9.78
C ALA C 137 10.67 24.40 -9.55
N GLY C 138 9.48 24.08 -10.05
CA GLY C 138 8.88 22.75 -9.95
C GLY C 138 9.19 21.88 -11.15
N GLY C 139 8.44 20.78 -11.25
CA GLY C 139 8.57 19.81 -12.36
C GLY C 139 9.63 18.75 -12.17
N LEU C 140 9.97 18.41 -10.90
CA LEU C 140 11.05 17.47 -10.63
C LEU C 140 10.50 16.04 -10.67
N HIS C 141 10.20 15.62 -11.89
CA HIS C 141 9.44 14.42 -12.19
C HIS C 141 10.06 13.06 -11.89
N HIS C 142 11.36 12.95 -11.59
CA HIS C 142 11.94 11.62 -11.34
C HIS C 142 11.88 11.16 -9.90
N ALA C 143 11.66 12.07 -8.93
CA ALA C 143 11.71 11.60 -7.54
C ALA C 143 10.67 10.52 -7.25
N LYS C 144 11.07 9.49 -6.49
CA LYS C 144 10.19 8.37 -6.16
C LYS C 144 9.81 8.39 -4.67
N LYS C 145 8.91 7.48 -4.26
CA LYS C 145 8.43 7.47 -2.86
C LYS C 145 9.57 7.50 -1.86
N SER C 146 10.58 6.64 -2.09
CA SER C 146 11.71 6.57 -1.16
C SER C 146 13.03 6.58 -1.90
N GLU C 147 13.14 7.42 -2.96
CA GLU C 147 14.40 7.44 -3.70
C GLU C 147 14.54 8.74 -4.43
N ALA C 148 15.74 9.36 -4.35
CA ALA C 148 16.05 10.54 -5.14
C ALA C 148 16.44 9.97 -6.52
N SER C 149 16.24 10.75 -7.60
CA SER C 149 16.61 10.23 -8.88
C SER C 149 16.74 11.40 -9.88
N GLY C 150 17.74 11.32 -10.73
CA GLY C 150 17.90 12.30 -11.80
C GLY C 150 17.72 13.75 -11.43
N PHE C 151 18.48 14.20 -10.41
CA PHE C 151 18.51 15.59 -9.92
C PHE C 151 17.26 16.02 -9.13
N CYS C 152 16.31 15.08 -8.91
CA CYS C 152 15.02 15.32 -8.24
C CYS C 152 15.04 14.61 -6.90
N TYR C 153 14.58 15.30 -5.87
CA TYR C 153 14.57 14.66 -4.53
C TYR C 153 13.14 14.51 -4.04
N VAL C 154 12.32 15.56 -4.16
CA VAL C 154 10.91 15.54 -3.75
C VAL C 154 10.07 15.77 -4.99
N ASN C 155 9.10 14.86 -5.18
CA ASN C 155 8.27 14.94 -6.37
C ASN C 155 7.15 15.94 -6.18
N ASP C 156 7.46 17.21 -6.49
CA ASP C 156 6.50 18.29 -6.35
C ASP C 156 5.28 18.08 -7.22
N ILE C 157 5.46 17.38 -8.35
CA ILE C 157 4.34 17.20 -9.27
C ILE C 157 3.33 16.26 -8.65
N VAL C 158 3.79 15.13 -8.11
CA VAL C 158 2.87 14.19 -7.49
C VAL C 158 2.14 14.86 -6.32
N LEU C 159 2.85 15.64 -5.50
CA LEU C 159 2.18 16.31 -4.38
C LEU C 159 1.16 17.33 -4.88
N ALA C 160 1.48 18.07 -5.97
CA ALA C 160 0.51 19.04 -6.49
C ALA C 160 -0.71 18.30 -7.07
N ILE C 161 -0.50 17.14 -7.73
CA ILE C 161 -1.61 16.38 -8.30
C ILE C 161 -2.49 15.80 -7.18
N LEU C 162 -1.88 15.35 -6.06
CA LEU C 162 -2.67 14.84 -4.94
C LEU C 162 -3.58 15.97 -4.45
N GLU C 163 -3.07 17.22 -4.45
CA GLU C 163 -3.89 18.35 -4.03
C GLU C 163 -5.05 18.60 -5.04
N LEU C 164 -4.74 18.57 -6.36
CA LEU C 164 -5.79 18.76 -7.38
C LEU C 164 -6.86 17.71 -7.31
N LEU C 165 -6.49 16.47 -6.94
CA LEU C 165 -7.42 15.35 -6.84
C LEU C 165 -8.49 15.54 -5.78
N LYS C 166 -8.30 16.49 -4.87
CA LYS C 166 -9.32 16.77 -3.87
C LYS C 166 -10.53 17.45 -4.52
N TYR C 167 -10.32 18.22 -5.63
CA TYR C 167 -11.35 19.01 -6.30
C TYR C 167 -11.63 18.58 -7.73
N HIS C 168 -10.80 17.67 -8.29
CA HIS C 168 -10.91 17.22 -9.68
C HIS C 168 -10.96 15.72 -9.78
N GLN C 169 -12.00 15.17 -10.45
CA GLN C 169 -12.13 13.73 -10.61
C GLN C 169 -11.01 13.15 -11.45
N ARG C 170 -10.66 13.85 -12.54
CA ARG C 170 -9.64 13.40 -13.48
C ARG C 170 -8.66 14.51 -13.74
N VAL C 171 -7.37 14.18 -13.59
CA VAL C 171 -6.28 15.13 -13.82
C VAL C 171 -5.40 14.58 -14.93
N LEU C 172 -5.03 15.44 -15.91
CA LEU C 172 -4.17 15.03 -16.99
C LEU C 172 -2.77 15.61 -16.75
N TYR C 173 -1.75 14.76 -16.81
CA TYR C 173 -0.37 15.21 -16.65
C TYR C 173 0.32 15.03 -18.00
N ILE C 174 0.96 16.10 -18.53
CA ILE C 174 1.68 16.06 -19.82
C ILE C 174 3.12 16.48 -19.54
N ASP C 175 4.07 15.72 -20.10
CA ASP C 175 5.48 15.92 -19.82
C ASP C 175 6.28 16.07 -21.10
N ILE C 176 6.75 17.32 -21.39
CA ILE C 176 7.52 17.58 -22.62
C ILE C 176 9.02 17.72 -22.34
N ASP C 177 9.44 17.37 -21.10
CA ASP C 177 10.85 17.30 -20.78
C ASP C 177 11.41 16.21 -21.72
N ILE C 178 12.70 16.29 -22.10
CA ILE C 178 13.27 15.26 -22.97
C ILE C 178 13.35 13.87 -22.27
N HIS C 179 13.34 13.85 -20.92
CA HIS C 179 13.41 12.60 -20.18
C HIS C 179 12.00 12.12 -19.80
N HIS C 180 11.85 10.80 -19.71
CA HIS C 180 10.58 10.21 -19.31
C HIS C 180 10.18 10.66 -17.89
N GLY C 181 8.91 11.02 -17.70
CA GLY C 181 8.38 11.41 -16.40
C GLY C 181 8.04 10.14 -15.59
N ASP C 182 9.06 9.34 -15.27
CA ASP C 182 8.89 8.07 -14.57
C ASP C 182 8.31 8.18 -13.17
N GLY C 183 8.76 9.14 -12.38
CA GLY C 183 8.24 9.23 -11.00
C GLY C 183 6.76 9.52 -10.92
N VAL C 184 6.28 10.39 -11.81
CA VAL C 184 4.87 10.77 -11.85
C VAL C 184 4.07 9.59 -12.39
N GLU C 185 4.58 9.00 -13.48
CA GLU C 185 3.91 7.85 -14.07
C GLU C 185 3.76 6.73 -13.04
N GLU C 186 4.84 6.45 -12.28
CA GLU C 186 4.80 5.36 -11.30
C GLU C 186 3.80 5.67 -10.19
N ALA C 187 3.77 6.92 -9.70
CA ALA C 187 2.86 7.27 -8.61
C ALA C 187 1.40 7.00 -8.95
N PHE C 188 1.02 7.25 -10.24
CA PHE C 188 -0.36 7.10 -10.67
C PHE C 188 -0.59 5.92 -11.63
N TYR C 189 0.37 4.97 -11.64
CA TYR C 189 0.31 3.84 -12.58
C TYR C 189 -0.95 2.99 -12.48
N THR C 190 -1.51 2.88 -11.28
CA THR C 190 -2.67 1.99 -11.13
C THR C 190 -3.98 2.74 -10.94
N THR C 191 -4.02 4.06 -11.28
CA THR C 191 -5.28 4.78 -11.17
C THR C 191 -5.70 5.39 -12.50
N ASP C 192 -7.02 5.51 -12.68
CA ASP C 192 -7.62 6.15 -13.84
C ASP C 192 -7.93 7.61 -13.49
N ARG C 193 -7.65 8.03 -12.24
CA ARG C 193 -7.91 9.40 -11.85
C ARG C 193 -6.83 10.38 -12.29
N VAL C 194 -5.68 9.83 -12.77
CA VAL C 194 -4.61 10.66 -13.32
C VAL C 194 -4.14 9.93 -14.56
N MET C 195 -4.17 10.63 -15.71
CA MET C 195 -3.61 10.05 -16.94
C MET C 195 -2.25 10.76 -17.12
N THR C 196 -1.19 9.99 -17.35
CA THR C 196 0.14 10.59 -17.54
C THR C 196 0.53 10.41 -18.99
N VAL C 197 1.01 11.47 -19.65
CA VAL C 197 1.41 11.40 -21.06
C VAL C 197 2.82 11.98 -21.13
N SER C 198 3.80 11.16 -21.51
CA SER C 198 5.17 11.64 -21.62
C SER C 198 5.71 11.44 -23.03
N PHE C 199 6.37 12.50 -23.54
CA PHE C 199 7.07 12.48 -24.84
C PHE C 199 8.53 12.56 -24.42
N HIS C 200 9.37 11.65 -24.92
CA HIS C 200 10.76 11.62 -24.45
C HIS C 200 11.68 10.83 -25.31
N LYS C 201 12.96 11.14 -25.19
CA LYS C 201 14.01 10.38 -25.87
C LYS C 201 14.05 9.01 -25.17
N TYR C 202 14.10 7.96 -25.98
CA TYR C 202 14.12 6.60 -25.46
C TYR C 202 15.19 5.80 -26.19
N GLY C 203 15.93 5.00 -25.44
CA GLY C 203 17.01 4.15 -25.98
C GLY C 203 18.37 4.69 -25.58
N GLU C 204 19.12 3.92 -24.74
CA GLU C 204 20.46 4.28 -24.22
C GLU C 204 20.41 5.71 -23.65
N TYR C 205 19.35 5.97 -22.88
CA TYR C 205 19.11 7.28 -22.32
C TYR C 205 18.35 7.16 -21.00
N PHE C 206 18.70 8.02 -20.03
CA PHE C 206 18.09 8.02 -18.70
C PHE C 206 16.62 8.39 -18.80
N PRO C 207 15.73 7.81 -17.96
CA PRO C 207 15.97 6.77 -16.94
C PRO C 207 15.88 5.34 -17.46
N GLY C 208 15.60 5.18 -18.75
CA GLY C 208 15.51 3.84 -19.35
C GLY C 208 14.12 3.27 -19.38
N THR C 209 13.13 4.05 -18.91
CA THR C 209 11.73 3.66 -18.86
C THR C 209 10.89 4.44 -19.89
N GLY C 210 9.58 4.25 -19.88
CA GLY C 210 8.70 4.95 -20.81
C GLY C 210 8.65 4.28 -22.16
N ASP C 211 8.61 2.95 -22.16
CA ASP C 211 8.50 2.17 -23.38
C ASP C 211 7.07 2.32 -23.88
N LEU C 212 6.86 2.19 -25.20
CA LEU C 212 5.55 2.29 -25.82
C LEU C 212 4.55 1.32 -25.12
N ARG C 213 5.06 0.15 -24.69
CA ARG C 213 4.26 -0.91 -24.03
C ARG C 213 3.83 -0.61 -22.60
N ASP C 214 4.37 0.46 -21.98
CA ASP C 214 4.04 0.82 -20.59
C ASP C 214 2.77 1.67 -20.64
N ILE C 215 1.64 1.02 -20.41
CA ILE C 215 0.33 1.65 -20.52
C ILE C 215 -0.46 1.74 -19.19
N GLY C 216 0.14 1.34 -18.08
CA GLY C 216 -0.56 1.38 -16.80
C GLY C 216 -1.01 -0.01 -16.37
N ALA C 217 -1.54 -0.14 -15.15
CA ALA C 217 -1.97 -1.46 -14.65
C ALA C 217 -3.22 -1.30 -13.77
N GLY C 218 -3.96 -2.39 -13.59
CA GLY C 218 -5.18 -2.37 -12.80
C GLY C 218 -6.16 -1.40 -13.40
N LYS C 219 -6.82 -0.56 -12.56
CA LYS C 219 -7.77 0.43 -13.07
C LYS C 219 -7.06 1.48 -13.93
N GLY C 220 -5.74 1.57 -13.78
CA GLY C 220 -4.94 2.53 -14.55
C GLY C 220 -4.50 1.99 -15.90
N LYS C 221 -4.92 0.75 -16.27
CA LYS C 221 -4.52 0.23 -17.59
C LYS C 221 -5.13 1.16 -18.64
N TYR C 222 -4.26 1.66 -19.57
CA TYR C 222 -4.56 2.60 -20.65
C TYR C 222 -4.53 4.05 -20.19
N TYR C 223 -4.16 4.28 -18.90
CA TYR C 223 -4.09 5.65 -18.38
C TYR C 223 -2.66 6.13 -18.23
N ALA C 224 -1.69 5.43 -18.83
CA ALA C 224 -0.28 5.87 -18.89
C ALA C 224 0.02 5.81 -20.38
N VAL C 225 0.54 6.92 -20.92
CA VAL C 225 0.82 7.05 -22.35
C VAL C 225 2.27 7.48 -22.52
N ASN C 226 3.00 6.75 -23.36
CA ASN C 226 4.41 7.04 -23.63
C ASN C 226 4.66 7.12 -25.10
N PHE C 227 5.37 8.19 -25.52
CA PHE C 227 5.75 8.37 -26.93
C PHE C 227 7.28 8.40 -26.96
N PRO C 228 7.91 7.23 -27.13
CA PRO C 228 9.37 7.17 -27.15
C PRO C 228 9.91 7.76 -28.46
N MET C 229 10.92 8.60 -28.38
CA MET C 229 11.50 9.25 -29.57
C MET C 229 12.98 9.03 -29.68
N ARG C 230 13.49 9.21 -30.92
CA ARG C 230 14.91 9.09 -31.20
C ARG C 230 15.52 10.52 -31.23
N ASP C 231 16.84 10.60 -31.39
CA ASP C 231 17.52 11.90 -31.47
C ASP C 231 17.01 12.79 -32.61
N GLY C 232 17.16 14.08 -32.42
CA GLY C 232 16.92 15.11 -33.43
C GLY C 232 15.54 15.52 -33.85
N ILE C 233 14.50 15.15 -33.07
CA ILE C 233 13.16 15.58 -33.46
C ILE C 233 13.10 17.11 -33.60
N ASP C 234 12.38 17.61 -34.61
CA ASP C 234 12.28 19.05 -34.87
C ASP C 234 10.87 19.58 -34.61
N ASP C 235 10.67 20.90 -34.74
CA ASP C 235 9.36 21.51 -34.50
C ASP C 235 8.22 20.89 -35.27
N GLU C 236 8.39 20.71 -36.61
CA GLU C 236 7.30 20.15 -37.42
C GLU C 236 6.90 18.72 -37.00
N SER C 237 7.90 17.83 -36.80
CA SER C 237 7.68 16.45 -36.43
C SER C 237 7.05 16.36 -35.04
N TYR C 238 7.54 17.17 -34.10
CA TYR C 238 7.00 17.15 -32.73
C TYR C 238 5.58 17.68 -32.70
N GLY C 239 5.34 18.82 -33.35
CA GLY C 239 4.03 19.46 -33.40
C GLY C 239 2.96 18.59 -34.01
N GLN C 240 3.33 17.82 -35.05
CA GLN C 240 2.39 16.91 -35.74
C GLN C 240 2.09 15.64 -34.95
N ILE C 241 2.82 15.43 -33.83
CA ILE C 241 2.60 14.30 -32.92
C ILE C 241 1.81 14.84 -31.72
N PHE C 242 2.31 15.95 -31.14
CA PHE C 242 1.75 16.51 -29.94
C PHE C 242 0.26 16.90 -30.07
N LYS C 243 -0.10 17.73 -31.06
CA LYS C 243 -1.51 18.16 -31.19
C LYS C 243 -2.50 16.99 -31.40
N PRO C 244 -2.32 16.05 -32.36
CA PRO C 244 -3.32 14.96 -32.50
C PRO C 244 -3.38 14.06 -31.25
N ILE C 245 -2.22 13.73 -30.63
CA ILE C 245 -2.21 12.88 -29.42
C ILE C 245 -2.97 13.59 -28.24
N ILE C 246 -2.60 14.83 -27.90
CA ILE C 246 -3.27 15.57 -26.82
C ILE C 246 -4.76 15.79 -27.14
N SER C 247 -5.10 16.11 -28.40
CA SER C 247 -6.51 16.29 -28.75
C SER C 247 -7.32 15.00 -28.52
N LYS C 248 -6.75 13.85 -28.87
CA LYS C 248 -7.43 12.55 -28.67
C LYS C 248 -7.49 12.25 -27.17
N VAL C 249 -6.40 12.55 -26.43
CA VAL C 249 -6.41 12.34 -24.98
C VAL C 249 -7.54 13.17 -24.35
N MET C 250 -7.66 14.44 -24.75
CA MET C 250 -8.69 15.34 -24.22
C MET C 250 -10.10 14.82 -24.49
N GLU C 251 -10.34 14.34 -25.72
CA GLU C 251 -11.61 13.79 -26.18
C GLU C 251 -12.02 12.56 -25.36
N MET C 252 -11.10 11.61 -25.21
CA MET C 252 -11.31 10.35 -24.53
C MET C 252 -11.33 10.45 -23.01
N TYR C 253 -10.37 11.20 -22.44
CA TYR C 253 -10.23 11.29 -21.00
C TYR C 253 -11.06 12.38 -20.32
N GLN C 254 -11.33 13.49 -21.03
CA GLN C 254 -12.13 14.60 -20.50
C GLN C 254 -11.67 15.02 -19.09
N PRO C 255 -10.39 15.42 -18.94
CA PRO C 255 -9.94 15.83 -17.60
C PRO C 255 -10.54 17.16 -17.17
N SER C 256 -10.53 17.46 -15.86
CA SER C 256 -11.04 18.75 -15.39
C SER C 256 -9.91 19.68 -14.96
N ALA C 257 -8.66 19.17 -14.96
CA ALA C 257 -7.46 19.95 -14.63
C ALA C 257 -6.29 19.34 -15.38
N VAL C 258 -5.27 20.18 -15.71
CA VAL C 258 -4.10 19.72 -16.44
C VAL C 258 -2.86 20.21 -15.75
N VAL C 259 -1.82 19.35 -15.70
CA VAL C 259 -0.51 19.71 -15.18
C VAL C 259 0.43 19.52 -16.36
N LEU C 260 1.16 20.59 -16.74
CA LEU C 260 2.08 20.54 -17.87
C LEU C 260 3.49 20.78 -17.39
N GLN C 261 4.33 19.72 -17.46
CA GLN C 261 5.74 19.82 -17.09
C GLN C 261 6.44 20.33 -18.39
N CYS C 262 7.08 21.52 -18.31
CA CYS C 262 7.72 22.19 -19.47
C CYS C 262 9.23 22.08 -19.50
N GLY C 263 9.79 20.94 -19.09
CA GLY C 263 11.24 20.73 -19.11
C GLY C 263 11.80 21.24 -20.43
N ALA C 264 12.77 22.18 -20.36
CA ALA C 264 13.35 22.84 -21.52
C ALA C 264 14.56 22.15 -22.14
N ASP C 265 14.89 20.93 -21.68
CA ASP C 265 16.00 20.16 -22.22
C ASP C 265 15.66 19.48 -23.55
N SER C 266 14.41 19.68 -24.02
CA SER C 266 13.94 19.20 -25.31
C SER C 266 14.29 20.26 -26.38
N LEU C 267 14.90 21.40 -25.96
CA LEU C 267 15.31 22.43 -26.91
C LEU C 267 16.62 22.08 -27.62
N SER C 268 16.76 22.59 -28.86
CA SER C 268 17.98 22.43 -29.63
C SER C 268 19.12 23.10 -28.81
N GLY C 269 20.29 22.48 -28.81
CA GLY C 269 21.48 23.00 -28.15
C GLY C 269 21.52 22.77 -26.65
N ASP C 270 20.63 21.89 -26.14
CA ASP C 270 20.67 21.62 -24.69
C ASP C 270 21.93 20.80 -24.35
N ARG C 271 22.54 21.09 -23.19
CA ARG C 271 23.75 20.39 -22.74
C ARG C 271 23.57 18.87 -22.61
N LEU C 272 22.38 18.41 -22.16
CA LEU C 272 22.17 16.98 -21.95
C LEU C 272 21.23 16.37 -22.98
N GLY C 273 20.36 17.20 -23.56
CA GLY C 273 19.35 16.79 -24.54
C GLY C 273 19.88 16.65 -25.94
N CYS C 274 19.20 15.82 -26.75
CA CYS C 274 19.55 15.52 -28.15
C CYS C 274 18.36 15.80 -29.12
N PHE C 275 17.44 16.70 -28.71
CA PHE C 275 16.29 17.09 -29.53
C PHE C 275 16.66 18.39 -30.29
N ASN C 276 15.84 18.77 -31.25
CA ASN C 276 16.10 19.96 -32.09
C ASN C 276 14.92 20.92 -32.14
N LEU C 277 14.20 21.09 -31.01
CA LEU C 277 13.08 22.01 -30.98
C LEU C 277 13.55 23.45 -30.78
N THR C 278 12.76 24.43 -31.25
CA THR C 278 13.07 25.83 -30.97
C THR C 278 12.15 26.23 -29.81
N VAL C 279 12.32 27.46 -29.28
CA VAL C 279 11.45 27.98 -28.20
C VAL C 279 9.99 28.01 -28.73
N LYS C 280 9.79 28.40 -30.02
CA LYS C 280 8.44 28.44 -30.58
C LYS C 280 7.80 27.04 -30.64
N GLY C 281 8.59 26.05 -31.04
CA GLY C 281 8.12 24.67 -31.16
C GLY C 281 7.78 24.08 -29.80
N HIS C 282 8.58 24.43 -28.78
CA HIS C 282 8.35 23.97 -27.41
C HIS C 282 7.07 24.65 -26.88
N ALA C 283 6.96 26.00 -27.04
CA ALA C 283 5.82 26.77 -26.57
C ALA C 283 4.49 26.45 -27.26
N LYS C 284 4.55 25.84 -28.46
CA LYS C 284 3.36 25.41 -29.21
C LYS C 284 2.59 24.42 -28.33
N CYS C 285 3.32 23.63 -27.52
CA CYS C 285 2.69 22.67 -26.61
C CYS C 285 1.82 23.40 -25.60
N VAL C 286 2.32 24.55 -25.06
CA VAL C 286 1.55 25.33 -24.12
C VAL C 286 0.29 25.89 -24.81
N GLU C 287 0.46 26.41 -26.06
CA GLU C 287 -0.65 26.97 -26.83
C GLU C 287 -1.74 25.91 -27.05
N VAL C 288 -1.35 24.69 -27.44
CA VAL C 288 -2.27 23.58 -27.70
C VAL C 288 -3.05 23.25 -26.43
N VAL C 289 -2.34 23.11 -25.27
CA VAL C 289 -3.02 22.80 -24.01
C VAL C 289 -4.02 23.90 -23.62
N LYS C 290 -3.65 25.18 -23.81
CA LYS C 290 -4.51 26.32 -23.49
C LYS C 290 -5.85 26.32 -24.25
N THR C 291 -5.87 25.81 -25.51
CA THR C 291 -7.10 25.77 -26.33
C THR C 291 -8.23 25.01 -25.67
N PHE C 292 -7.92 24.08 -24.72
CA PHE C 292 -8.96 23.28 -24.06
C PHE C 292 -9.64 24.00 -22.89
N ASN C 293 -9.14 25.21 -22.52
CA ASN C 293 -9.70 26.06 -21.47
C ASN C 293 -9.90 25.34 -20.14
N LEU C 294 -8.89 24.57 -19.73
CA LEU C 294 -8.95 23.84 -18.46
C LEU C 294 -7.98 24.45 -17.43
N PRO C 295 -8.32 24.38 -16.11
CA PRO C 295 -7.38 24.87 -15.07
C PRO C 295 -6.03 24.21 -15.34
N LEU C 296 -4.97 25.03 -15.38
CA LEU C 296 -3.66 24.54 -15.78
C LEU C 296 -2.53 24.96 -14.87
N LEU C 297 -1.71 23.96 -14.47
CA LEU C 297 -0.53 24.17 -13.63
C LEU C 297 0.66 23.92 -14.54
N MET C 298 1.44 24.99 -14.81
CA MET C 298 2.61 24.88 -15.67
C MET C 298 3.83 24.84 -14.78
N LEU C 299 4.65 23.81 -14.96
CA LEU C 299 5.84 23.59 -14.14
C LEU C 299 7.12 23.51 -14.98
N GLY C 300 8.24 23.70 -14.29
CA GLY C 300 9.57 23.60 -14.89
C GLY C 300 10.00 22.16 -15.06
N GLY C 301 11.29 21.91 -14.93
CA GLY C 301 11.88 20.60 -15.11
C GLY C 301 13.31 20.74 -15.58
N GLY C 302 13.72 19.91 -16.54
CA GLY C 302 15.06 19.97 -17.07
C GLY C 302 15.32 21.25 -17.87
N GLY C 303 16.54 21.37 -18.36
CA GLY C 303 16.97 22.54 -19.14
C GLY C 303 18.35 22.86 -18.62
N TYR C 304 19.37 22.60 -19.46
CA TYR C 304 20.76 22.68 -19.04
C TYR C 304 21.66 23.67 -19.82
N THR C 305 21.09 24.39 -20.83
CA THR C 305 21.77 25.50 -21.54
C THR C 305 20.91 26.63 -21.00
N ILE C 306 21.34 27.19 -19.85
CA ILE C 306 20.54 28.10 -19.06
C ILE C 306 20.05 29.36 -19.79
N ARG C 307 20.81 29.91 -20.75
CA ARG C 307 20.30 31.07 -21.49
C ARG C 307 19.02 30.70 -22.31
N ASN C 308 18.98 29.46 -22.85
CA ASN C 308 17.83 28.95 -23.61
C ASN C 308 16.66 28.61 -22.68
N VAL C 309 16.96 28.16 -21.43
CA VAL C 309 15.91 27.90 -20.44
C VAL C 309 15.22 29.21 -20.09
N ALA C 310 15.99 30.31 -19.86
CA ALA C 310 15.38 31.61 -19.54
C ALA C 310 14.50 32.08 -20.70
N ARG C 311 14.97 31.91 -21.95
CA ARG C 311 14.19 32.31 -23.13
C ARG C 311 12.86 31.54 -23.20
N CYS C 312 12.98 30.20 -23.09
CA CYS C 312 11.85 29.28 -23.19
C CYS C 312 10.77 29.56 -22.16
N TRP C 313 11.15 29.62 -20.89
CA TRP C 313 10.14 29.85 -19.86
C TRP C 313 9.62 31.30 -19.84
N THR C 314 10.40 32.28 -20.30
CA THR C 314 9.91 33.65 -20.41
C THR C 314 8.82 33.67 -21.48
N TYR C 315 9.11 33.06 -22.64
CA TYR C 315 8.15 33.01 -23.76
C TYR C 315 6.90 32.24 -23.36
N GLU C 316 7.07 31.13 -22.59
CA GLU C 316 5.92 30.33 -22.16
C GLU C 316 5.06 31.03 -21.15
N THR C 317 5.63 31.96 -20.35
CA THR C 317 4.85 32.75 -19.41
C THR C 317 4.05 33.78 -20.26
N ALA C 318 4.66 34.30 -21.34
CA ALA C 318 4.00 35.27 -22.23
C ALA C 318 2.84 34.58 -22.94
N VAL C 319 3.07 33.31 -23.37
CA VAL C 319 2.03 32.48 -24.01
C VAL C 319 0.86 32.31 -23.02
N ALA C 320 1.16 31.98 -21.73
CA ALA C 320 0.11 31.83 -20.71
C ALA C 320 -0.73 33.12 -20.58
N LEU C 321 -0.07 34.29 -20.70
CA LEU C 321 -0.70 35.60 -20.60
C LEU C 321 -1.31 36.10 -21.91
N ASP C 322 -1.12 35.36 -23.02
CA ASP C 322 -1.58 35.73 -24.38
C ASP C 322 -1.05 37.16 -24.67
N CYS C 323 0.22 37.35 -24.35
CA CYS C 323 0.94 38.60 -24.48
C CYS C 323 2.07 38.42 -25.48
N GLU C 324 1.99 39.11 -26.63
CA GLU C 324 3.03 39.03 -27.65
C GLU C 324 4.20 39.87 -27.15
N ILE C 325 5.39 39.25 -27.09
CA ILE C 325 6.59 39.96 -26.63
C ILE C 325 7.59 40.07 -27.78
N PRO C 326 8.31 41.22 -27.89
CA PRO C 326 9.26 41.36 -29.01
C PRO C 326 10.43 40.40 -28.95
N ASN C 327 10.96 40.05 -30.13
CA ASN C 327 12.12 39.15 -30.27
C ASN C 327 13.38 39.81 -29.70
N GLU C 328 13.39 41.14 -29.60
CA GLU C 328 14.53 41.86 -29.08
C GLU C 328 14.45 41.79 -27.58
N LEU C 329 15.45 41.17 -26.95
CA LEU C 329 15.48 41.02 -25.50
C LEU C 329 15.59 42.37 -24.80
N PRO C 330 14.82 42.64 -23.74
CA PRO C 330 14.96 43.91 -23.04
C PRO C 330 16.24 43.86 -22.25
N TYR C 331 16.70 45.02 -21.76
CA TYR C 331 17.91 44.97 -20.97
C TYR C 331 17.57 44.22 -19.67
N ASN C 332 18.53 43.47 -19.10
CA ASN C 332 18.28 42.71 -17.88
C ASN C 332 19.60 42.43 -17.14
N ASP C 333 19.52 41.90 -15.89
CA ASP C 333 20.69 41.59 -15.06
C ASP C 333 21.64 40.57 -15.66
N TYR C 334 21.19 39.81 -16.69
CA TYR C 334 22.02 38.78 -17.32
C TYR C 334 22.12 38.99 -18.83
N PHE C 335 21.93 40.24 -19.28
CA PHE C 335 21.96 40.59 -20.70
C PHE C 335 23.09 39.92 -21.48
N GLU C 336 24.34 39.99 -20.97
CA GLU C 336 25.51 39.42 -21.64
C GLU C 336 25.43 37.90 -21.89
N TYR C 337 24.64 37.16 -21.08
CA TYR C 337 24.47 35.71 -21.24
C TYR C 337 23.76 35.37 -22.57
N PHE C 338 23.05 36.35 -23.15
CA PHE C 338 22.26 36.15 -24.36
C PHE C 338 22.93 36.56 -25.66
N GLY C 339 24.22 36.91 -25.57
CA GLY C 339 25.02 37.29 -26.73
C GLY C 339 25.28 36.15 -27.68
N PRO C 340 25.70 36.43 -28.93
CA PRO C 340 26.01 37.75 -29.51
C PRO C 340 24.86 38.45 -30.24
N ASP C 341 23.67 37.80 -30.36
CA ASP C 341 22.55 38.40 -31.08
C ASP C 341 21.44 38.98 -30.19
N PHE C 342 21.39 38.59 -28.88
CA PHE C 342 20.44 39.10 -27.89
C PHE C 342 18.97 39.04 -28.33
N LYS C 343 18.59 37.89 -28.90
CA LYS C 343 17.23 37.65 -29.35
C LYS C 343 16.53 36.67 -28.40
N LEU C 344 15.19 36.70 -28.38
CA LEU C 344 14.40 35.81 -27.54
C LEU C 344 14.36 34.41 -28.16
N HIS C 345 14.10 34.34 -29.47
CA HIS C 345 13.96 33.08 -30.18
C HIS C 345 15.30 32.51 -30.65
N ILE C 346 15.33 31.17 -30.80
CA ILE C 346 16.52 30.42 -31.20
C ILE C 346 16.32 29.72 -32.53
N SER C 347 17.41 29.37 -33.18
CA SER C 347 17.40 28.67 -34.46
C SER C 347 17.70 27.19 -34.20
N PRO C 348 17.06 26.26 -34.94
CA PRO C 348 17.43 24.85 -34.75
C PRO C 348 18.80 24.59 -35.38
N SER C 349 19.40 23.46 -35.03
CA SER C 349 20.69 23.06 -35.58
C SER C 349 20.44 22.24 -36.85
N ASN C 350 21.51 21.83 -37.55
CA ASN C 350 21.39 21.02 -38.75
C ASN C 350 21.45 19.53 -38.41
N MET C 351 21.27 19.16 -37.12
CA MET C 351 21.32 17.77 -36.71
C MET C 351 20.25 16.95 -37.42
N THR C 352 20.58 15.70 -37.70
CA THR C 352 19.67 14.78 -38.39
C THR C 352 18.52 14.35 -37.46
N ASN C 353 17.28 14.39 -37.99
CA ASN C 353 16.10 13.92 -37.26
C ASN C 353 16.08 12.41 -37.49
N GLN C 354 16.31 11.63 -36.41
CA GLN C 354 16.37 10.17 -36.53
C GLN C 354 14.99 9.49 -36.44
N ASN C 355 13.95 10.29 -36.23
CA ASN C 355 12.59 9.82 -36.14
C ASN C 355 12.04 9.79 -37.56
N THR C 356 12.10 8.62 -38.19
CA THR C 356 11.58 8.52 -39.56
C THR C 356 10.05 8.69 -39.57
N PRO C 357 9.46 9.12 -40.71
CA PRO C 357 8.00 9.21 -40.79
C PRO C 357 7.30 7.87 -40.45
N GLU C 358 7.86 6.72 -40.90
CA GLU C 358 7.29 5.42 -40.62
C GLU C 358 7.28 5.16 -39.10
N TYR C 359 8.41 5.45 -38.43
CA TYR C 359 8.54 5.25 -36.97
C TYR C 359 7.47 6.07 -36.24
N MET C 360 7.33 7.34 -36.59
CA MET C 360 6.37 8.24 -35.96
C MET C 360 4.92 7.81 -36.15
N GLU C 361 4.57 7.40 -37.38
CA GLU C 361 3.22 6.96 -37.71
C GLU C 361 2.86 5.69 -36.95
N LYS C 362 3.81 4.73 -36.83
CA LYS C 362 3.58 3.46 -36.13
C LYS C 362 3.31 3.73 -34.64
N ILE C 363 4.08 4.65 -34.04
CA ILE C 363 3.87 4.97 -32.61
C ILE C 363 2.53 5.66 -32.44
N LYS C 364 2.24 6.67 -33.27
CA LYS C 364 0.96 7.39 -33.20
C LYS C 364 -0.22 6.42 -33.33
N GLN C 365 -0.13 5.50 -34.30
CA GLN C 365 -1.17 4.48 -34.56
C GLN C 365 -1.43 3.70 -33.29
N ARG C 366 -0.37 3.18 -32.66
CA ARG C 366 -0.46 2.40 -31.42
C ARG C 366 -1.12 3.19 -30.31
N LEU C 367 -0.70 4.45 -30.12
CA LEU C 367 -1.28 5.29 -29.05
C LEU C 367 -2.75 5.55 -29.29
N PHE C 368 -3.13 5.82 -30.56
CA PHE C 368 -4.54 6.04 -30.88
C PHE C 368 -5.39 4.79 -30.56
N GLU C 369 -4.83 3.59 -30.84
CA GLU C 369 -5.49 2.31 -30.56
C GLU C 369 -5.69 2.17 -29.04
N ASN C 370 -4.64 2.50 -28.25
CA ASN C 370 -4.72 2.44 -26.79
C ASN C 370 -5.73 3.42 -26.23
N LEU C 371 -5.81 4.63 -26.83
CA LEU C 371 -6.75 5.65 -26.39
C LEU C 371 -8.22 5.26 -26.66
N ARG C 372 -8.45 4.45 -27.72
N ARG C 372 -8.45 4.44 -27.72
CA ARG C 372 -9.80 3.97 -28.07
CA ARG C 372 -9.78 3.94 -28.08
C ARG C 372 -10.34 2.96 -27.03
C ARG C 372 -10.33 2.96 -27.03
N MET C 373 -9.45 2.43 -26.15
CA MET C 373 -9.80 1.47 -25.10
C MET C 373 -10.44 2.12 -23.86
N LEU C 374 -10.33 3.48 -23.71
CA LEU C 374 -10.90 4.20 -22.56
C LEU C 374 -12.41 3.93 -22.28
N PRO C 375 -13.37 3.97 -23.25
CA PRO C 375 -14.78 3.69 -22.88
C PRO C 375 -15.11 2.19 -22.82
C1 TV1 D . -3.43 -36.06 7.17
C2 TV1 D . -4.69 -36.27 6.63
C3 TV1 D . -2.87 -34.80 7.09
C4 TV1 D . -5.38 -35.23 6.03
C5 TV1 D . -3.00 -32.50 6.40
C6 TV1 D . -3.44 -29.00 5.00
C7 TV1 D . -3.57 -33.76 6.48
C8 TV1 D . -3.68 -31.46 5.78
C9 TV1 D . -4.84 -33.95 5.96
C10 TV1 D . -3.06 -30.13 5.69
C11 TV1 D . -4.94 -31.75 5.28
C12 TV1 D . -1.64 -28.45 6.01
C13 TV1 D . -0.75 -27.32 8.91
C14 TV1 D . -1.12 -27.95 11.49
C15 TV1 D . 0.82 -27.27 11.07
C16 TV1 D . -0.27 -27.94 10.24
C17 TV1 D . 5.07 -29.82 -0.74
C18 TV1 D . 0.34 -27.77 13.35
C19 TV1 D . -6.85 -31.12 4.03
C20 TV1 D . 5.22 -28.37 -0.30
C21 TV1 D . 2.09 -28.27 3.63
C22 TV1 D . 0.82 -27.73 4.27
C23 TV1 D . 2.17 -27.84 2.19
C24 TV1 D . 0.77 -28.18 5.72
C25 TV1 D . 3.43 -28.41 1.53
C26 TV1 D . -0.46 -27.70 6.49
C27 TV1 D . 3.93 -27.71 0.26
N28 TV1 D . -2.56 -27.96 5.19
N29 TV1 D . -5.51 -32.96 5.36
N30 TV1 D . -1.93 -29.74 6.33
N31 TV1 D . -0.15 -27.08 12.15
N32 TV1 D . -0.19 -28.02 7.88
O33 TV1 D . -1.53 -26.40 8.72
O34 TV1 D . 4.32 -26.36 0.57
O35 TV1 D . 2.93 -27.70 -0.75
O36 TV1 D . -5.63 -30.72 4.65
ZN ZN E . 2.61 -25.70 -1.14
CA CA F . 6.43 -19.80 -2.52
CA CA G . 20.38 -16.04 1.81
C1 PEG H . 7.66 -49.03 -4.54
O1 PEG H . 7.62 -49.74 -5.78
C2 PEG H . 6.33 -49.07 -3.88
O2 PEG H . 6.33 -48.35 -2.65
C3 PEG H . 5.21 -48.65 -1.84
C4 PEG H . 5.53 -49.75 -0.88
O4 PEG H . 4.37 -50.39 -0.39
C1 PEG I . -12.85 -36.26 -12.21
O1 PEG I . -12.87 -37.57 -12.79
C2 PEG I . -12.87 -35.19 -13.23
O2 PEG I . -12.62 -33.93 -12.62
C3 PEG I . -13.66 -32.97 -12.79
C4 PEG I . -14.42 -32.79 -11.51
O4 PEG I . -15.59 -32.02 -11.71
C1 PEG J . -3.15 -44.62 -7.47
O1 PEG J . -4.50 -44.77 -7.90
C2 PEG J . -3.03 -44.84 -5.99
O2 PEG J . -1.66 -44.76 -5.58
C3 PEG J . -1.10 -46.02 -5.22
C4 PEG J . -0.95 -46.12 -3.73
O4 PEG J . -2.20 -46.40 -3.11
C1 TV1 K . -29.24 -3.23 8.55
C2 TV1 K . -28.70 -3.28 7.27
C3 TV1 K . -29.27 -2.02 9.22
C4 TV1 K . -28.19 -2.14 6.70
C5 TV1 K . -28.79 0.33 9.28
C6 TV1 K . -27.76 3.98 9.09
C7 TV1 K . -28.75 -0.88 8.63
C8 TV1 K . -28.26 1.47 8.68
C9 TV1 K . -28.21 -0.92 7.35
C10 TV1 K . -28.33 2.76 9.35
C11 TV1 K . -27.73 1.33 7.41
C12 TV1 K . -28.84 4.31 10.88
C13 TV1 K . -31.81 5.18 11.70
C14 TV1 K . -33.84 4.37 13.18
C15 TV1 K . -34.42 5.14 11.32
C16 TV1 K . -33.15 4.46 11.82
C17 TV1 K . -21.92 3.23 17.49
C18 TV1 K . -36.13 4.19 12.63
C19 TV1 K . -26.61 2.17 5.56
C20 TV1 K . -22.51 4.62 17.73
C21 TV1 K . -26.46 4.52 14.58
C22 TV1 K . -27.24 5.04 13.38
C23 TV1 K . -25.11 5.18 14.77
C24 TV1 K . -28.64 4.45 13.35
C25 TV1 K . -24.39 4.55 15.97
C26 TV1 K . -29.42 4.88 12.11
C27 TV1 K . -23.17 5.32 16.51
N28 TV1 K . -28.05 4.94 10.02
N29 TV1 K . -27.70 0.16 6.75
N30 TV1 K . -29.01 3.00 10.50
N31 TV1 K . -35.00 5.11 12.66
N32 TV1 K . -30.80 4.46 12.28
O33 TV1 K . -31.61 6.26 11.15
O34 TV1 K . -23.62 6.60 16.97
O35 TV1 K . -22.22 5.49 15.47
O36 TV1 K . -27.21 2.46 6.82
ZN ZN L . -22.05 7.55 15.34
CA CA M . -21.26 13.31 19.55
CA CA N . -25.94 15.65 33.70
C1 PEG O . -19.44 18.43 -3.95
O1 PEG O . -18.73 17.96 -5.09
C2 PEG O . -18.73 19.57 -3.30
O2 PEG O . -18.75 20.70 -4.15
C3 PEG O . -18.72 21.93 -3.43
C4 PEG O . -19.28 23.03 -4.28
O4 PEG O . -20.64 22.82 -4.61
C1 PEG P . -15.91 -15.91 18.69
O1 PEG P . -15.73 -16.58 19.93
C2 PEG P . -17.32 -15.55 18.52
O2 PEG P . -17.59 -15.12 17.21
C3 PEG P . -18.95 -15.23 16.86
C4 PEG P . -19.12 -16.15 15.70
O4 PEG P . -20.33 -16.87 15.81
C1 TV1 Q . 27.64 15.46 -11.31
C2 TV1 Q . 28.56 16.13 -12.08
C3 TV1 Q . 26.58 14.81 -11.91
C4 TV1 Q . 28.44 16.14 -13.46
C5 TV1 Q . 25.41 14.16 -13.90
C6 TV1 Q . 23.72 13.55 -17.24
C7 TV1 Q . 26.46 14.82 -13.29
C8 TV1 Q . 25.29 14.20 -15.28
C9 TV1 Q . 27.39 15.48 -14.09
C10 TV1 Q . 24.19 13.52 -15.95
C11 TV1 Q . 26.26 14.88 -16.01
C12 TV1 Q . 22.44 12.17 -16.22
C13 TV1 Q . 22.37 8.97 -15.62
C14 TV1 Q . 22.11 6.74 -14.22
C15 TV1 Q . 24.09 7.14 -14.77
C16 TV1 Q . 22.88 8.03 -14.51
C17 TV1 Q . 14.98 17.76 -13.86
C18 TV1 Q . 23.71 5.09 -13.67
C19 TV1 Q . 27.09 15.74 -18.02
C20 TV1 Q . 14.44 16.58 -14.67
C21 TV1 Q . 18.48 13.69 -15.11
C22 TV1 Q . 19.51 12.97 -15.96
C23 TV1 Q . 17.61 14.64 -15.89
C24 TV1 Q . 20.26 11.94 -15.11
C25 TV1 Q . 16.58 15.36 -15.01
C26 TV1 Q . 21.37 11.22 -15.88
C27 TV1 Q . 15.37 15.99 -15.72
N28 TV1 Q . 22.63 12.73 -17.41
N29 TV1 Q . 27.30 15.51 -15.43
N30 TV1 Q . 23.36 12.62 -15.32
N31 TV1 Q . 23.23 5.95 -14.74
N32 TV1 Q . 21.92 10.15 -15.07
O33 TV1 Q . 22.36 8.72 -16.82
O34 TV1 Q . 14.60 15.03 -16.46
O35 TV1 Q . 15.80 16.97 -16.66
O36 TV1 Q . 26.13 14.88 -17.39
ZN ZN R . 15.07 16.22 -18.43
CA CA S . -2.55 6.63 -14.46
CA CA T . 8.93 13.83 -21.15
C1 PEG U . -12.98 13.67 -5.43
O1 PEG U . -13.19 12.52 -6.23
C2 PEG U . -12.91 14.91 -6.25
O2 PEG U . -14.04 14.97 -7.11
C3 PEG U . -14.66 16.24 -7.17
C4 PEG U . -16.09 16.12 -6.75
O4 PEG U . -16.77 17.35 -6.85
#